data_4XGB
#
_entry.id   4XGB
#
_cell.length_a   161.420
_cell.length_b   96.520
_cell.length_c   94.510
_cell.angle_alpha   90.00
_cell.angle_beta   99.34
_cell.angle_gamma   90.00
#
_symmetry.space_group_name_H-M   'C 1 2 1'
#
loop_
_entity.id
_entity.type
_entity.pdbx_description
1 polymer "5'/3'-nucleotidase SurE"
2 non-polymer 'MAGNESIUM ION'
3 non-polymer 'PHOSPHATE ION'
4 non-polymer (4S)-2-METHYL-2,4-PENTANEDIOL
5 water water
#
_entity_poly.entity_id   1
_entity_poly.type   'polypeptide(L)'
_entity_poly.pdbx_seq_one_letter_code
;MRGSHHHHHHGMASMRILLSNDDGVHAPGIQTLAKALREFADVQVVAPDRNRSGASNSLTLESSLRTFTFDNGDIAVQMG
TPTDCVYLGVNALMRPRPDIVVSGINAGPNLGDDVIYSGTVAAAMAGRHLGFPALAVSLNGYQHYDTAAAVTCALLRGLS
REPLRTGRILNVNVPDLPLAQVKGIRVTRCGSRHPADKVIPQEDPRGNTLYWIGPPGDKYDAGPDTDFAAVDEGYVSVTP
LHVDLTAASAHDVVSDWLDSVGVGTQW
;
_entity_poly.pdbx_strand_id   A,B,C,D
#
loop_
_chem_comp.id
_chem_comp.type
_chem_comp.name
_chem_comp.formula
MG non-polymer 'MAGNESIUM ION' 'Mg 2'
MPD non-polymer (4S)-2-METHYL-2,4-PENTANEDIOL 'C6 H14 O2'
PO4 non-polymer 'PHOSPHATE ION' 'O4 P -3'
#
# COMPACT_ATOMS: atom_id res chain seq x y z
N HIS A 6 4.18 -21.88 -46.46
CA HIS A 6 3.54 -20.58 -46.09
C HIS A 6 2.75 -20.70 -44.81
N HIS A 7 3.04 -19.81 -43.88
CA HIS A 7 2.39 -19.77 -42.56
C HIS A 7 1.80 -18.41 -42.32
N HIS A 8 0.84 -18.33 -41.39
CA HIS A 8 0.19 -17.07 -41.06
C HIS A 8 1.19 -16.02 -40.65
N HIS A 9 2.17 -16.42 -39.84
CA HIS A 9 3.27 -15.56 -39.44
C HIS A 9 4.60 -16.06 -39.93
N HIS A 10 5.49 -15.12 -40.26
CA HIS A 10 6.86 -15.44 -40.67
C HIS A 10 7.73 -15.43 -39.46
N GLY A 11 8.07 -16.62 -38.96
CA GLY A 11 8.89 -16.71 -37.77
C GLY A 11 8.09 -16.90 -36.49
N MET A 12 8.70 -17.64 -35.56
CA MET A 12 8.05 -17.96 -34.29
C MET A 12 8.40 -16.98 -33.19
N ALA A 13 9.46 -16.22 -33.38
CA ALA A 13 9.94 -15.25 -32.39
C ALA A 13 10.67 -14.13 -33.11
N SER A 14 9.97 -13.52 -34.07
CA SER A 14 10.52 -12.48 -34.93
C SER A 14 10.63 -11.09 -34.30
N MET A 15 9.82 -10.81 -33.29
CA MET A 15 9.94 -9.56 -32.55
C MET A 15 9.92 -9.75 -31.04
N ARG A 16 10.63 -8.88 -30.32
CA ARG A 16 10.65 -8.91 -28.86
C ARG A 16 9.53 -8.01 -28.32
N ILE A 17 8.62 -8.59 -27.55
CA ILE A 17 7.49 -7.82 -27.03
C ILE A 17 7.45 -7.78 -25.51
N LEU A 18 7.52 -6.57 -24.97
CA LEU A 18 7.16 -6.33 -23.59
C LEU A 18 5.62 -6.25 -23.53
N LEU A 19 5.00 -7.29 -22.96
CA LEU A 19 3.55 -7.30 -22.79
C LEU A 19 3.18 -6.86 -21.38
N SER A 20 2.31 -5.85 -21.28
CA SER A 20 1.86 -5.35 -19.99
C SER A 20 0.35 -5.13 -19.98
N ASN A 21 -0.19 -4.62 -18.90
CA ASN A 21 -1.60 -4.23 -18.72
C ASN A 21 -1.79 -3.39 -17.46
N ASP A 22 -3.02 -3.11 -17.09
CA ASP A 22 -3.24 -2.59 -15.74
C ASP A 22 -4.20 -3.44 -14.93
N ASP A 23 -4.76 -4.46 -15.55
CA ASP A 23 -5.65 -5.39 -14.85
C ASP A 23 -4.88 -6.35 -13.94
N GLY A 24 -3.56 -6.43 -14.17
CA GLY A 24 -2.66 -7.33 -13.43
C GLY A 24 -2.29 -8.57 -14.22
N VAL A 25 -1.23 -9.26 -13.78
CA VAL A 25 -0.77 -10.50 -14.41
C VAL A 25 -1.76 -11.67 -14.46
N HIS A 26 -2.76 -11.69 -13.59
CA HIS A 26 -3.67 -12.84 -13.59
C HIS A 26 -4.89 -12.58 -14.41
N ALA A 27 -5.00 -11.38 -14.95
CA ALA A 27 -6.15 -11.00 -15.77
C ALA A 27 -6.26 -11.89 -17.02
N PRO A 28 -7.47 -12.38 -17.34
CA PRO A 28 -7.69 -13.17 -18.56
C PRO A 28 -7.27 -12.42 -19.85
N GLY A 29 -7.44 -11.10 -19.86
CA GLY A 29 -7.08 -10.28 -21.03
C GLY A 29 -5.61 -10.32 -21.41
N ILE A 30 -4.73 -10.08 -20.43
CA ILE A 30 -3.29 -10.21 -20.69
C ILE A 30 -2.90 -11.67 -20.99
N GLN A 31 -3.55 -12.60 -20.30
CA GLN A 31 -3.23 -14.01 -20.46
C GLN A 31 -3.63 -14.57 -21.82
N THR A 32 -4.84 -14.25 -22.27
CA THR A 32 -5.30 -14.61 -23.60
C THR A 32 -4.33 -14.03 -24.64
N LEU A 33 -3.96 -12.77 -24.47
CA LEU A 33 -3.08 -12.09 -25.40
C LEU A 33 -1.68 -12.69 -25.43
N ALA A 34 -1.15 -13.02 -24.26
CA ALA A 34 0.17 -13.65 -24.17
C ALA A 34 0.22 -14.95 -24.97
N LYS A 35 -0.83 -15.76 -24.85
CA LYS A 35 -0.90 -16.99 -25.59
C LYS A 35 -0.83 -16.72 -27.10
N ALA A 36 -1.70 -15.83 -27.57
CA ALA A 36 -1.75 -15.47 -28.97
C ALA A 36 -0.42 -14.95 -29.48
N LEU A 37 0.13 -13.90 -28.84
CA LEU A 37 1.41 -13.33 -29.24
C LEU A 37 2.57 -14.35 -29.28
N ARG A 38 2.53 -15.35 -28.39
CA ARG A 38 3.61 -16.34 -28.28
C ARG A 38 3.75 -17.28 -29.48
N GLU A 39 2.80 -17.22 -30.41
CA GLU A 39 2.86 -18.04 -31.60
C GLU A 39 3.90 -17.51 -32.57
N PHE A 40 4.20 -16.22 -32.48
CA PHE A 40 5.05 -15.57 -33.48
C PHE A 40 6.06 -14.59 -32.91
N ALA A 41 5.97 -14.32 -31.61
CA ALA A 41 6.83 -13.32 -30.98
C ALA A 41 7.64 -13.88 -29.81
N ASP A 42 8.75 -13.22 -29.50
CA ASP A 42 9.46 -13.40 -28.24
C ASP A 42 8.76 -12.49 -27.22
N VAL A 43 8.01 -13.09 -26.29
CA VAL A 43 7.19 -12.30 -25.37
C VAL A 43 7.64 -12.33 -23.91
N GLN A 44 7.83 -11.14 -23.34
CA GLN A 44 8.06 -11.03 -21.89
C GLN A 44 7.01 -10.15 -21.21
N VAL A 45 6.27 -10.78 -20.30
CA VAL A 45 5.26 -10.10 -19.52
C VAL A 45 5.93 -9.34 -18.37
N VAL A 46 5.66 -8.05 -18.28
CA VAL A 46 6.06 -7.28 -17.11
C VAL A 46 4.86 -6.41 -16.74
N ALA A 47 4.10 -6.85 -15.73
CA ALA A 47 2.81 -6.24 -15.40
C ALA A 47 2.63 -6.04 -13.88
N PRO A 48 1.58 -5.30 -13.45
CA PRO A 48 1.37 -5.14 -12.02
C PRO A 48 0.95 -6.45 -11.36
N ASP A 49 1.18 -6.55 -10.04
CA ASP A 49 0.83 -7.74 -9.27
C ASP A 49 -0.67 -7.85 -8.99
N ARG A 50 -1.39 -6.74 -9.11
CA ARG A 50 -2.84 -6.76 -8.99
CA ARG A 50 -2.83 -6.69 -8.88
C ARG A 50 -3.50 -5.85 -10.02
N ASN A 51 -4.82 -5.72 -9.85
CA ASN A 51 -5.60 -4.79 -10.63
C ASN A 51 -5.28 -3.33 -10.27
N ARG A 52 -4.87 -2.57 -11.27
CA ARG A 52 -4.52 -1.17 -11.08
C ARG A 52 -5.30 -0.26 -12.06
N SER A 53 -6.48 -0.74 -12.47
CA SER A 53 -7.39 0.06 -13.26
C SER A 53 -7.48 1.47 -12.69
N GLY A 54 -7.37 2.47 -13.56
CA GLY A 54 -7.47 3.85 -13.13
C GLY A 54 -6.17 4.45 -12.65
N ALA A 55 -5.05 3.75 -12.83
CA ALA A 55 -3.76 4.24 -12.33
C ALA A 55 -3.15 5.36 -13.15
N SER A 56 -3.74 5.68 -14.30
CA SER A 56 -3.21 6.74 -15.15
C SER A 56 -1.71 6.55 -15.40
N ASN A 57 -1.00 7.67 -15.54
CA ASN A 57 0.44 7.63 -15.78
C ASN A 57 1.26 7.74 -14.51
N SER A 58 0.70 7.29 -13.38
CA SER A 58 1.38 7.41 -12.08
C SER A 58 2.64 6.56 -12.03
N LEU A 59 3.54 6.91 -11.14
CA LEU A 59 4.74 6.09 -10.95
C LEU A 59 5.24 6.09 -9.52
N THR A 60 6.04 5.09 -9.19
CA THR A 60 6.64 5.00 -7.88
C THR A 60 7.97 5.73 -7.91
N LEU A 61 8.05 6.83 -7.16
CA LEU A 61 9.25 7.67 -7.13
C LEU A 61 10.00 7.67 -5.80
N GLU A 62 9.29 7.58 -4.69
CA GLU A 62 9.97 7.67 -3.40
C GLU A 62 10.25 6.31 -2.77
N SER A 63 10.10 5.26 -3.57
N SER A 63 10.07 5.25 -3.55
CA SER A 63 10.31 3.88 -3.13
CA SER A 63 10.36 3.89 -3.13
C SER A 63 10.92 3.08 -4.27
C SER A 63 10.96 3.11 -4.28
N SER A 64 11.81 2.14 -3.94
CA SER A 64 12.36 1.22 -4.93
C SER A 64 11.31 0.14 -5.15
N LEU A 65 11.44 -0.63 -6.23
CA LEU A 65 10.45 -1.64 -6.58
C LEU A 65 10.96 -3.08 -6.55
N ARG A 66 10.10 -3.97 -6.09
CA ARG A 66 10.42 -5.38 -6.03
C ARG A 66 9.63 -6.12 -7.10
N THR A 67 10.31 -7.03 -7.79
CA THR A 67 9.70 -7.84 -8.84
C THR A 67 9.54 -9.27 -8.37
N PHE A 68 8.51 -9.95 -8.85
CA PHE A 68 8.31 -11.36 -8.60
C PHE A 68 8.16 -12.08 -9.93
N THR A 69 8.93 -13.15 -10.10
CA THR A 69 8.87 -13.97 -11.30
C THR A 69 8.11 -15.28 -11.06
N PHE A 70 7.17 -15.58 -11.96
CA PHE A 70 6.38 -16.83 -11.91
C PHE A 70 7.08 -17.95 -12.68
N ASP A 71 6.56 -19.16 -12.54
CA ASP A 71 7.16 -20.33 -13.16
C ASP A 71 7.29 -20.24 -14.68
N ASN A 72 6.27 -19.67 -15.33
CA ASN A 72 6.26 -19.52 -16.77
C ASN A 72 7.10 -18.36 -17.27
N GLY A 73 7.70 -17.61 -16.35
CA GLY A 73 8.58 -16.51 -16.70
C GLY A 73 7.98 -15.12 -16.64
N ASP A 74 6.66 -15.03 -16.48
CA ASP A 74 6.00 -13.73 -16.27
C ASP A 74 6.61 -12.99 -15.07
N ILE A 75 6.92 -11.71 -15.26
CA ILE A 75 7.36 -10.86 -14.16
C ILE A 75 6.19 -9.95 -13.71
N ALA A 76 5.89 -9.96 -12.41
CA ALA A 76 4.97 -8.99 -11.83
C ALA A 76 5.80 -8.02 -11.02
N VAL A 77 5.58 -6.72 -11.24
CA VAL A 77 6.21 -5.72 -10.38
C VAL A 77 5.29 -5.47 -9.18
N GLN A 78 5.78 -5.77 -7.98
CA GLN A 78 5.01 -5.68 -6.75
C GLN A 78 4.74 -4.24 -6.40
N MET A 79 3.47 -3.89 -6.19
CA MET A 79 3.17 -2.50 -5.90
CA MET A 79 2.99 -2.54 -5.97
C MET A 79 3.28 -1.64 -7.15
N GLY A 80 3.72 -2.24 -8.26
CA GLY A 80 4.11 -1.46 -9.43
C GLY A 80 2.96 -0.90 -10.24
N THR A 81 3.14 0.31 -10.73
CA THR A 81 2.18 0.90 -11.66
C THR A 81 2.49 0.38 -13.06
N PRO A 82 1.55 0.53 -14.02
CA PRO A 82 1.80 0.09 -15.41
C PRO A 82 3.01 0.79 -16.04
N THR A 83 3.12 2.10 -15.76
CA THR A 83 4.29 2.88 -16.15
C THR A 83 5.55 2.33 -15.49
N ASP A 84 5.46 1.99 -14.19
CA ASP A 84 6.58 1.38 -13.47
C ASP A 84 7.05 0.15 -14.24
N CYS A 85 6.11 -0.75 -14.52
CA CYS A 85 6.38 -2.01 -15.22
C CYS A 85 7.11 -1.83 -16.55
N VAL A 86 6.56 -1.01 -17.43
CA VAL A 86 7.19 -0.77 -18.74
C VAL A 86 8.54 -0.05 -18.57
N TYR A 87 8.60 0.89 -17.65
CA TYR A 87 9.83 1.64 -17.43
C TYR A 87 10.95 0.68 -16.97
N LEU A 88 10.62 -0.19 -16.02
CA LEU A 88 11.54 -1.21 -15.55
C LEU A 88 11.86 -2.26 -16.61
N GLY A 89 10.83 -2.78 -17.29
CA GLY A 89 11.00 -3.76 -18.36
C GLY A 89 11.94 -3.26 -19.46
N VAL A 90 11.71 -2.06 -19.95
CA VAL A 90 12.54 -1.50 -21.02
C VAL A 90 13.95 -1.18 -20.54
N ASN A 91 14.05 -0.50 -19.41
CA ASN A 91 15.32 0.06 -18.98
C ASN A 91 16.20 -0.94 -18.22
N ALA A 92 15.59 -1.86 -17.47
CA ALA A 92 16.37 -2.79 -16.65
C ALA A 92 16.16 -4.30 -16.86
N LEU A 93 14.90 -4.75 -16.84
CA LEU A 93 14.60 -6.17 -16.68
C LEU A 93 14.79 -7.03 -17.90
N MET A 94 14.68 -6.44 -19.09
CA MET A 94 14.69 -7.24 -20.32
C MET A 94 16.05 -7.30 -21.01
N ARG A 95 16.54 -8.53 -21.19
CA ARG A 95 17.62 -8.79 -22.15
C ARG A 95 17.16 -9.90 -23.10
N PRO A 96 17.14 -9.60 -24.41
CA PRO A 96 17.45 -8.28 -24.93
C PRO A 96 16.24 -7.34 -24.82
N ARG A 97 16.49 -6.05 -25.03
CA ARG A 97 15.46 -5.03 -24.97
C ARG A 97 14.29 -5.33 -25.91
N PRO A 98 13.08 -4.85 -25.55
CA PRO A 98 11.91 -5.04 -26.39
C PRO A 98 11.91 -4.16 -27.64
N ASP A 99 11.39 -4.69 -28.74
CA ASP A 99 11.17 -3.92 -29.97
C ASP A 99 9.90 -3.07 -29.88
N ILE A 100 8.95 -3.55 -29.09
CA ILE A 100 7.64 -2.94 -28.98
C ILE A 100 7.00 -3.22 -27.62
N VAL A 101 6.21 -2.26 -27.16
CA VAL A 101 5.32 -2.46 -26.01
C VAL A 101 3.89 -2.65 -26.49
N VAL A 102 3.25 -3.71 -26.01
CA VAL A 102 1.83 -3.92 -26.21
C VAL A 102 1.17 -3.98 -24.83
N SER A 103 0.13 -3.18 -24.64
CA SER A 103 -0.56 -3.13 -23.34
C SER A 103 -2.01 -3.57 -23.47
N GLY A 104 -2.39 -4.63 -22.74
CA GLY A 104 -3.76 -5.14 -22.79
C GLY A 104 -3.81 -6.65 -22.67
N ILE A 105 -4.91 -7.29 -23.08
CA ILE A 105 -6.15 -6.61 -23.48
C ILE A 105 -6.89 -6.17 -22.22
N ASN A 106 -7.28 -4.91 -22.16
CA ASN A 106 -7.99 -4.39 -20.98
C ASN A 106 -9.45 -4.79 -20.95
N ALA A 107 -9.95 -5.09 -19.75
CA ALA A 107 -11.38 -5.35 -19.59
C ALA A 107 -12.12 -4.01 -19.57
N GLY A 108 -12.84 -3.71 -20.63
CA GLY A 108 -13.53 -2.45 -20.72
C GLY A 108 -12.83 -1.44 -21.62
N PRO A 109 -13.61 -0.52 -22.23
CA PRO A 109 -13.13 0.49 -23.17
C PRO A 109 -12.18 1.54 -22.57
N ASN A 110 -11.36 2.15 -23.41
CA ASN A 110 -10.56 3.30 -23.03
C ASN A 110 -10.70 4.37 -24.10
N LEU A 111 -11.73 5.20 -23.92
CA LEU A 111 -12.25 6.08 -24.96
C LEU A 111 -12.41 7.53 -24.53
N GLY A 112 -12.25 8.43 -25.48
CA GLY A 112 -12.50 9.86 -25.26
C GLY A 112 -11.50 10.45 -24.31
N ASP A 113 -11.98 11.30 -23.40
CA ASP A 113 -11.14 11.91 -22.39
C ASP A 113 -10.86 10.97 -21.21
N ASP A 114 -11.35 9.73 -21.32
CA ASP A 114 -10.97 8.67 -20.39
C ASP A 114 -9.54 8.19 -20.60
N VAL A 115 -8.97 8.42 -21.79
CA VAL A 115 -7.66 7.85 -22.09
C VAL A 115 -6.57 8.36 -21.15
N ILE A 116 -6.67 9.61 -20.68
CA ILE A 116 -5.64 10.17 -19.81
C ILE A 116 -5.64 9.50 -18.41
N TYR A 117 -6.77 8.93 -18.04
CA TYR A 117 -6.95 8.24 -16.76
C TYR A 117 -6.61 6.77 -16.87
N SER A 118 -6.21 6.34 -18.05
CA SER A 118 -6.05 4.94 -18.36
C SER A 118 -4.66 4.42 -18.06
N GLY A 119 -4.59 3.33 -17.30
CA GLY A 119 -3.32 2.68 -17.02
C GLY A 119 -2.88 1.80 -18.19
N THR A 120 -3.87 1.27 -18.91
CA THR A 120 -3.62 0.54 -20.14
C THR A 120 -2.86 1.43 -21.12
N VAL A 121 -3.36 2.63 -21.31
CA VAL A 121 -2.78 3.57 -22.26
C VAL A 121 -1.42 4.07 -21.77
N ALA A 122 -1.32 4.30 -20.46
CA ALA A 122 -0.08 4.82 -19.87
C ALA A 122 1.10 3.87 -20.10
N ALA A 123 0.84 2.57 -19.98
CA ALA A 123 1.85 1.54 -20.22
C ALA A 123 2.37 1.55 -21.66
N ALA A 124 1.45 1.66 -22.62
CA ALA A 124 1.83 1.83 -24.01
C ALA A 124 2.65 3.11 -24.17
N MET A 125 2.18 4.21 -23.59
CA MET A 125 2.89 5.50 -23.72
C MET A 125 4.34 5.49 -23.21
N ALA A 126 4.63 4.62 -22.25
CA ALA A 126 6.00 4.47 -21.76
C ALA A 126 6.88 3.69 -22.74
N GLY A 127 6.25 3.05 -23.71
CA GLY A 127 6.96 2.39 -24.79
C GLY A 127 6.99 3.19 -26.08
N ARG A 128 6.73 4.49 -26.00
CA ARG A 128 6.57 5.31 -27.21
C ARG A 128 7.86 5.61 -27.97
N HIS A 129 8.99 5.42 -27.32
CA HIS A 129 10.29 5.72 -27.90
C HIS A 129 10.91 4.53 -28.60
N LEU A 130 10.18 3.42 -28.67
CA LEU A 130 10.75 2.18 -29.21
C LEU A 130 10.77 2.06 -30.73
N GLY A 131 11.25 0.93 -31.23
CA GLY A 131 11.35 0.66 -32.67
C GLY A 131 10.00 0.64 -33.36
N PHE A 132 9.04 -0.06 -32.77
CA PHE A 132 7.67 -0.02 -33.28
C PHE A 132 6.80 0.86 -32.39
N PRO A 133 5.73 1.45 -32.95
CA PRO A 133 4.75 2.19 -32.16
C PRO A 133 4.10 1.29 -31.11
N ALA A 134 3.94 1.81 -29.90
CA ALA A 134 3.28 1.06 -28.82
C ALA A 134 1.78 0.93 -29.07
N LEU A 135 1.23 -0.23 -28.72
CA LEU A 135 -0.20 -0.49 -28.88
C LEU A 135 -0.90 -0.55 -27.52
N ALA A 136 -1.96 0.24 -27.34
CA ALA A 136 -2.87 0.04 -26.23
C ALA A 136 -4.13 -0.64 -26.76
N VAL A 137 -4.46 -1.80 -26.21
CA VAL A 137 -5.60 -2.57 -26.70
C VAL A 137 -6.62 -2.79 -25.57
N SER A 138 -7.84 -2.30 -25.77
CA SER A 138 -8.95 -2.47 -24.82
C SER A 138 -10.19 -3.07 -25.49
N LEU A 139 -10.83 -4.01 -24.78
CA LEU A 139 -12.07 -4.62 -25.24
C LEU A 139 -13.28 -3.85 -24.68
N ASN A 140 -14.29 -3.65 -25.52
CA ASN A 140 -15.51 -2.98 -25.09
C ASN A 140 -16.46 -3.96 -24.41
N GLY A 141 -15.96 -4.62 -23.38
CA GLY A 141 -16.73 -5.66 -22.69
C GLY A 141 -15.80 -6.67 -22.05
N TYR A 142 -16.31 -7.86 -21.75
CA TYR A 142 -15.55 -8.87 -21.02
C TYR A 142 -15.64 -10.23 -21.68
N GLN A 143 -16.34 -10.28 -22.81
CA GLN A 143 -16.60 -11.54 -23.50
C GLN A 143 -15.54 -11.98 -24.52
N HIS A 144 -15.35 -11.18 -25.56
CA HIS A 144 -14.55 -11.62 -26.71
C HIS A 144 -13.11 -11.18 -26.69
N TYR A 145 -12.34 -11.76 -25.79
CA TYR A 145 -10.91 -11.50 -25.73
C TYR A 145 -10.20 -11.98 -26.99
N ASP A 146 -10.68 -13.11 -27.53
CA ASP A 146 -10.15 -13.67 -28.77
C ASP A 146 -10.16 -12.68 -29.95
N THR A 147 -11.24 -11.91 -30.05
CA THR A 147 -11.38 -10.92 -31.11
C THR A 147 -10.30 -9.85 -30.98
N ALA A 148 -10.18 -9.27 -29.79
CA ALA A 148 -9.13 -8.29 -29.49
C ALA A 148 -7.72 -8.87 -29.71
N ALA A 149 -7.54 -10.13 -29.33
CA ALA A 149 -6.28 -10.82 -29.56
C ALA A 149 -6.02 -10.89 -31.07
N ALA A 150 -7.03 -11.32 -31.82
CA ALA A 150 -6.94 -11.40 -33.29
C ALA A 150 -6.58 -10.07 -33.92
N VAL A 151 -7.24 -9.01 -33.47
CA VAL A 151 -6.96 -7.66 -33.98
C VAL A 151 -5.52 -7.23 -33.66
N THR A 152 -5.03 -7.58 -32.47
CA THR A 152 -3.68 -7.19 -32.07
C THR A 152 -2.65 -7.92 -32.93
N CYS A 153 -2.86 -9.22 -33.13
CA CYS A 153 -2.00 -10.02 -33.99
C CYS A 153 -1.95 -9.54 -35.44
N ALA A 154 -3.04 -8.97 -35.93
CA ALA A 154 -3.06 -8.44 -37.28
C ALA A 154 -2.26 -7.14 -37.33
N LEU A 155 -2.50 -6.26 -36.37
CA LEU A 155 -1.72 -5.03 -36.28
C LEU A 155 -0.22 -5.31 -36.18
N LEU A 156 0.15 -6.36 -35.46
CA LEU A 156 1.55 -6.71 -35.26
C LEU A 156 2.19 -7.37 -36.48
N ARG A 157 1.45 -8.25 -37.14
CA ARG A 157 1.90 -8.78 -38.42
C ARG A 157 2.05 -7.62 -39.40
N GLY A 158 1.15 -6.64 -39.28
CA GLY A 158 1.19 -5.45 -40.10
C GLY A 158 2.51 -4.73 -39.97
N LEU A 159 3.07 -4.71 -38.76
CA LEU A 159 4.25 -3.91 -38.49
C LEU A 159 5.48 -4.60 -39.07
N SER A 160 5.37 -5.92 -39.19
CA SER A 160 6.43 -6.75 -39.76
CA SER A 160 6.42 -6.76 -39.75
C SER A 160 6.50 -6.58 -41.27
N ARG A 161 5.35 -6.26 -41.88
CA ARG A 161 5.29 -6.07 -43.32
C ARG A 161 5.79 -4.69 -43.72
N GLU A 162 5.50 -3.70 -42.87
CA GLU A 162 5.96 -2.33 -43.09
C GLU A 162 5.93 -1.54 -41.79
N PRO A 163 6.97 -0.73 -41.55
CA PRO A 163 6.97 0.15 -40.38
C PRO A 163 5.89 1.23 -40.48
N LEU A 164 5.33 1.61 -39.34
CA LEU A 164 4.50 2.78 -39.26
C LEU A 164 5.42 3.97 -39.00
N ARG A 165 5.39 4.94 -39.90
CA ARG A 165 6.27 6.10 -39.81
C ARG A 165 5.87 7.01 -38.67
N THR A 166 4.82 7.82 -38.89
CA THR A 166 4.36 8.75 -37.86
C THR A 166 3.40 8.03 -36.92
N GLY A 167 3.37 8.48 -35.66
CA GLY A 167 2.47 7.91 -34.66
C GLY A 167 3.23 7.01 -33.72
N ARG A 168 3.42 7.47 -32.49
CA ARG A 168 4.24 6.75 -31.53
C ARG A 168 3.44 5.75 -30.69
N ILE A 169 2.16 6.07 -30.44
CA ILE A 169 1.28 5.20 -29.68
CA ILE A 169 1.24 5.20 -29.71
C ILE A 169 -0.09 5.09 -30.41
N LEU A 170 -0.60 3.87 -30.52
CA LEU A 170 -1.93 3.65 -31.08
C LEU A 170 -2.85 3.11 -29.99
N ASN A 171 -3.89 3.88 -29.70
CA ASN A 171 -4.95 3.42 -28.80
C ASN A 171 -6.02 2.72 -29.62
N VAL A 172 -6.18 1.43 -29.36
CA VAL A 172 -7.04 0.51 -30.12
C VAL A 172 -8.17 -0.01 -29.24
N ASN A 173 -9.42 0.20 -29.67
CA ASN A 173 -10.57 -0.34 -28.94
C ASN A 173 -11.35 -1.32 -29.78
N VAL A 174 -11.61 -2.49 -29.22
CA VAL A 174 -12.23 -3.58 -29.97
C VAL A 174 -13.66 -3.81 -29.49
N PRO A 175 -14.63 -3.75 -30.41
CA PRO A 175 -16.02 -4.08 -30.08
C PRO A 175 -16.12 -5.51 -29.57
N ASP A 176 -16.89 -5.70 -28.51
CA ASP A 176 -17.02 -7.00 -27.85
C ASP A 176 -17.95 -7.89 -28.66
N LEU A 177 -17.49 -8.25 -29.86
CA LEU A 177 -18.26 -9.06 -30.79
C LEU A 177 -17.41 -10.21 -31.33
N PRO A 178 -18.04 -11.29 -31.82
CA PRO A 178 -17.23 -12.26 -32.57
C PRO A 178 -16.58 -11.58 -33.77
N LEU A 179 -15.37 -11.98 -34.08
CA LEU A 179 -14.57 -11.37 -35.14
C LEU A 179 -15.33 -11.18 -36.47
N ALA A 180 -16.11 -12.20 -36.84
CA ALA A 180 -16.91 -12.18 -38.07
C ALA A 180 -17.88 -11.01 -38.12
N GLN A 181 -18.28 -10.51 -36.96
CA GLN A 181 -19.21 -9.39 -36.87
C GLN A 181 -18.54 -8.01 -36.79
N VAL A 182 -17.21 -7.99 -36.67
CA VAL A 182 -16.49 -6.71 -36.64
C VAL A 182 -16.38 -6.12 -38.05
N LYS A 183 -17.15 -5.06 -38.27
CA LYS A 183 -17.27 -4.42 -39.59
C LYS A 183 -15.94 -4.00 -40.19
N GLY A 184 -14.95 -3.70 -39.36
CA GLY A 184 -13.64 -3.31 -39.85
C GLY A 184 -12.91 -2.38 -38.91
N ILE A 185 -12.13 -1.47 -39.48
CA ILE A 185 -11.29 -0.60 -38.68
C ILE A 185 -11.41 0.85 -39.17
N ARG A 186 -11.33 1.78 -38.22
CA ARG A 186 -11.37 3.20 -38.50
C ARG A 186 -10.29 3.91 -37.72
N VAL A 187 -9.60 4.85 -38.35
CA VAL A 187 -8.67 5.72 -37.64
C VAL A 187 -9.46 6.93 -37.11
N THR A 188 -9.57 7.01 -35.78
CA THR A 188 -10.47 7.95 -35.10
C THR A 188 -9.75 9.03 -34.31
N ARG A 189 -10.50 10.01 -33.84
CA ARG A 189 -10.03 10.99 -32.83
C ARG A 189 -10.78 10.72 -31.52
N CYS A 190 -10.22 11.18 -30.40
CA CYS A 190 -10.86 10.94 -29.09
C CYS A 190 -12.12 11.77 -28.96
N GLY A 191 -13.22 11.11 -28.58
CA GLY A 191 -14.46 11.80 -28.24
C GLY A 191 -14.33 12.47 -26.87
N SER A 192 -15.46 12.79 -26.25
CA SER A 192 -15.44 13.37 -24.91
C SER A 192 -16.74 13.13 -24.15
N ARG A 193 -16.65 13.30 -22.83
CA ARG A 193 -17.79 13.09 -21.95
C ARG A 193 -18.07 14.31 -21.11
N HIS A 194 -19.31 14.40 -20.64
CA HIS A 194 -19.66 15.27 -19.52
C HIS A 194 -18.83 14.81 -18.35
N PRO A 195 -18.43 15.73 -17.45
CA PRO A 195 -17.71 15.27 -16.26
C PRO A 195 -18.57 14.31 -15.47
N ALA A 196 -17.94 13.37 -14.77
CA ALA A 196 -18.67 12.48 -13.87
C ALA A 196 -19.06 13.30 -12.65
N ASP A 197 -20.24 13.05 -12.10
CA ASP A 197 -20.71 13.86 -10.99
C ASP A 197 -21.23 13.06 -9.79
N LYS A 198 -21.38 11.75 -9.96
CA LYS A 198 -21.86 10.86 -8.91
C LYS A 198 -20.79 10.56 -7.86
N VAL A 199 -21.18 10.60 -6.58
CA VAL A 199 -20.34 10.15 -5.46
C VAL A 199 -21.16 9.25 -4.55
N ILE A 200 -20.90 7.94 -4.61
CA ILE A 200 -21.69 6.97 -3.84
C ILE A 200 -21.18 6.80 -2.40
N PRO A 201 -21.92 7.37 -1.43
CA PRO A 201 -21.50 7.26 -0.03
C PRO A 201 -21.79 5.85 0.53
N GLN A 202 -21.03 5.47 1.55
CA GLN A 202 -21.18 4.16 2.17
C GLN A 202 -20.63 4.21 3.59
N GLU A 203 -21.45 3.76 4.54
CA GLU A 203 -21.12 3.81 5.96
C GLU A 203 -20.28 2.61 6.37
N ASP A 204 -19.20 2.84 7.12
CA ASP A 204 -18.40 1.72 7.64
C ASP A 204 -19.09 1.13 8.88
N PRO A 205 -18.57 0.00 9.41
CA PRO A 205 -19.16 -0.60 10.63
C PRO A 205 -19.21 0.34 11.83
N ARG A 206 -18.24 1.24 11.97
CA ARG A 206 -18.26 2.21 13.06
C ARG A 206 -19.14 3.42 12.72
N GLY A 207 -19.83 3.35 11.59
CA GLY A 207 -20.75 4.39 11.15
C GLY A 207 -20.10 5.67 10.63
N ASN A 208 -18.94 5.54 10.00
CA ASN A 208 -18.33 6.68 9.31
C ASN A 208 -18.58 6.62 7.82
N THR A 209 -18.79 7.77 7.20
CA THR A 209 -19.17 7.83 5.79
C THR A 209 -17.94 7.85 4.90
N LEU A 210 -17.84 6.82 4.06
CA LEU A 210 -16.77 6.70 3.09
C LEU A 210 -17.39 6.91 1.72
N TYR A 211 -16.57 7.34 0.77
CA TYR A 211 -17.08 7.74 -0.54
C TYR A 211 -16.49 6.91 -1.67
N TRP A 212 -17.35 6.50 -2.59
CA TRP A 212 -16.89 5.88 -3.84
C TRP A 212 -16.96 6.84 -4.98
N ILE A 213 -15.92 6.86 -5.81
CA ILE A 213 -15.95 7.57 -7.09
C ILE A 213 -17.07 6.94 -7.92
N GLY A 214 -17.80 7.77 -8.66
CA GLY A 214 -18.85 7.27 -9.54
C GLY A 214 -18.34 6.83 -10.90
N PRO A 215 -19.24 6.32 -11.77
CA PRO A 215 -18.96 5.93 -13.16
C PRO A 215 -18.56 7.15 -14.01
N PRO A 216 -18.14 6.94 -15.27
CA PRO A 216 -17.83 8.13 -16.10
C PRO A 216 -19.11 8.90 -16.46
N GLY A 217 -18.94 10.17 -16.84
CA GLY A 217 -20.09 11.00 -17.27
C GLY A 217 -20.67 10.55 -18.60
N ASP A 218 -21.90 10.99 -18.89
CA ASP A 218 -22.56 10.76 -20.18
C ASP A 218 -21.64 11.19 -21.32
N LYS A 219 -21.79 10.57 -22.48
CA LYS A 219 -21.10 11.02 -23.68
C LYS A 219 -21.55 12.44 -24.04
N TYR A 220 -20.61 13.24 -24.51
CA TYR A 220 -20.89 14.60 -24.93
C TYR A 220 -20.55 14.73 -26.40
N ASP A 221 -19.31 14.41 -26.74
CA ASP A 221 -18.87 14.44 -28.13
C ASP A 221 -18.65 13.03 -28.68
N ALA A 222 -19.71 12.49 -29.28
CA ALA A 222 -19.61 11.23 -29.99
C ALA A 222 -19.91 11.41 -31.49
N GLY A 223 -19.26 12.39 -32.11
CA GLY A 223 -19.40 12.66 -33.55
C GLY A 223 -18.99 11.51 -34.45
N PRO A 224 -19.24 11.64 -35.77
CA PRO A 224 -19.01 10.55 -36.73
C PRO A 224 -17.59 10.00 -36.82
N ASP A 225 -16.58 10.82 -36.50
CA ASP A 225 -15.21 10.33 -36.56
C ASP A 225 -14.51 10.17 -35.20
N THR A 226 -15.30 10.12 -34.14
CA THR A 226 -14.77 9.84 -32.80
C THR A 226 -14.56 8.33 -32.59
N ASP A 227 -13.72 7.99 -31.62
CA ASP A 227 -13.57 6.61 -31.17
C ASP A 227 -14.89 6.01 -30.65
N PHE A 228 -15.69 6.83 -29.95
CA PHE A 228 -17.03 6.41 -29.47
C PHE A 228 -17.93 5.87 -30.59
N ALA A 229 -18.07 6.65 -31.67
CA ALA A 229 -18.90 6.24 -32.82
C ALA A 229 -18.44 4.92 -33.44
N ALA A 230 -17.16 4.88 -33.82
CA ALA A 230 -16.57 3.69 -34.44
C ALA A 230 -16.92 2.41 -33.69
N VAL A 231 -16.68 2.40 -32.38
CA VAL A 231 -16.98 1.24 -31.55
C VAL A 231 -18.50 0.94 -31.49
N ASP A 232 -19.29 1.97 -31.23
CA ASP A 232 -20.76 1.84 -31.21
C ASP A 232 -21.28 1.24 -32.52
N GLU A 233 -20.67 1.64 -33.64
CA GLU A 233 -21.04 1.14 -34.97
C GLU A 233 -20.41 -0.21 -35.38
N GLY A 234 -19.60 -0.81 -34.49
CA GLY A 234 -19.05 -2.14 -34.73
C GLY A 234 -17.65 -2.18 -35.34
N TYR A 235 -16.98 -1.03 -35.36
CA TYR A 235 -15.62 -0.95 -35.89
C TYR A 235 -14.58 -0.96 -34.77
N VAL A 236 -13.40 -1.49 -35.09
CA VAL A 236 -12.23 -1.31 -34.24
C VAL A 236 -11.82 0.15 -34.40
N SER A 237 -11.57 0.81 -33.27
CA SER A 237 -11.08 2.19 -33.28
C SER A 237 -9.58 2.23 -33.09
N VAL A 238 -8.90 3.04 -33.92
CA VAL A 238 -7.48 3.30 -33.74
C VAL A 238 -7.25 4.82 -33.70
N THR A 239 -6.91 5.32 -32.52
CA THR A 239 -6.56 6.71 -32.37
C THR A 239 -5.08 6.78 -32.07
N PRO A 240 -4.31 7.50 -32.93
CA PRO A 240 -2.94 7.85 -32.57
C PRO A 240 -2.93 8.88 -31.44
N LEU A 241 -2.05 8.69 -30.46
CA LEU A 241 -1.95 9.60 -29.33
C LEU A 241 -0.55 10.18 -29.17
N HIS A 242 -0.46 11.26 -28.42
CA HIS A 242 0.82 11.76 -27.95
C HIS A 242 0.72 12.16 -26.49
N VAL A 243 1.88 12.34 -25.85
CA VAL A 243 1.93 12.69 -24.42
C VAL A 243 1.78 14.18 -24.16
N ASP A 244 1.97 14.99 -25.20
CA ASP A 244 1.93 16.45 -25.09
C ASP A 244 0.52 16.91 -24.69
N LEU A 245 0.45 17.76 -23.66
CA LEU A 245 -0.82 18.25 -23.14
C LEU A 245 -1.16 19.67 -23.62
N THR A 246 -0.23 20.32 -24.34
CA THR A 246 -0.42 21.70 -24.82
C THR A 246 -1.73 21.87 -25.60
N ALA A 247 -2.48 22.91 -25.26
CA ALA A 247 -3.65 23.30 -26.04
C ALA A 247 -3.23 24.45 -26.94
N ALA A 248 -2.62 24.10 -28.07
CA ALA A 248 -2.07 25.09 -29.00
C ALA A 248 -3.10 26.09 -29.51
N SER A 249 -4.29 25.62 -29.87
CA SER A 249 -5.33 26.51 -30.36
C SER A 249 -5.92 27.45 -29.29
N ALA A 250 -5.24 27.58 -28.15
CA ALA A 250 -5.65 28.51 -27.10
C ALA A 250 -4.57 29.54 -26.81
N HIS A 251 -3.44 29.43 -27.49
CA HIS A 251 -2.30 30.32 -27.27
C HIS A 251 -2.64 31.78 -27.36
N ASP A 252 -3.29 32.16 -28.46
CA ASP A 252 -3.56 33.58 -28.75
C ASP A 252 -4.62 34.18 -27.84
N VAL A 253 -5.66 33.42 -27.54
CA VAL A 253 -6.69 33.85 -26.61
C VAL A 253 -6.12 34.12 -25.22
N VAL A 254 -5.15 33.30 -24.80
CA VAL A 254 -4.57 33.42 -23.46
C VAL A 254 -3.64 34.63 -23.42
N SER A 255 -2.95 34.87 -24.53
CA SER A 255 -1.99 35.96 -24.61
C SER A 255 -2.70 37.32 -24.65
N ASP A 256 -3.75 37.41 -25.48
CA ASP A 256 -4.61 38.57 -25.54
C ASP A 256 -5.27 38.81 -24.18
N TRP A 257 -5.83 37.76 -23.60
CA TRP A 257 -6.45 37.84 -22.27
C TRP A 257 -5.54 38.45 -21.24
N LEU A 258 -4.30 37.96 -21.14
CA LEU A 258 -3.32 38.44 -20.17
C LEU A 258 -3.03 39.93 -20.37
N ASP A 259 -2.65 40.28 -21.59
CA ASP A 259 -2.45 41.68 -22.00
C ASP A 259 -3.66 42.51 -21.61
N SER A 260 -4.84 42.02 -21.95
CA SER A 260 -6.09 42.71 -21.68
C SER A 260 -6.32 42.97 -20.19
N VAL A 261 -5.85 42.08 -19.33
CA VAL A 261 -6.12 42.21 -17.89
C VAL A 261 -4.94 42.76 -17.10
N GLY A 262 -3.87 43.12 -17.79
CA GLY A 262 -2.70 43.72 -17.16
C GLY A 262 -1.96 42.81 -16.19
N VAL A 263 -2.04 41.49 -16.42
CA VAL A 263 -1.25 40.54 -15.63
C VAL A 263 0.00 40.16 -16.42
N GLY A 264 1.16 40.49 -15.86
CA GLY A 264 2.43 40.29 -16.53
C GLY A 264 2.99 41.56 -17.17
N THR A 265 2.13 42.57 -17.34
CA THR A 265 2.57 43.90 -17.78
C THR A 265 2.06 44.97 -16.84
N GLN A 266 2.63 46.18 -16.95
CA GLN A 266 2.33 47.25 -16.01
C GLN A 266 1.10 48.06 -16.42
N TRP A 267 0.89 48.17 -17.73
CA TRP A 267 -0.10 49.10 -18.28
C TRP A 267 -1.11 48.41 -19.16
N GLY B 11 -16.91 44.52 -4.55
CA GLY B 11 -17.11 43.31 -5.32
C GLY B 11 -18.50 42.72 -5.12
N MET B 12 -19.17 42.46 -6.23
CA MET B 12 -20.54 41.89 -6.20
C MET B 12 -20.56 40.43 -5.71
N ALA B 13 -19.45 39.71 -5.94
CA ALA B 13 -19.36 38.30 -5.56
C ALA B 13 -17.96 37.89 -5.09
N SER B 14 -17.96 36.97 -4.14
CA SER B 14 -16.74 36.36 -3.64
C SER B 14 -16.30 35.27 -4.60
N MET B 15 -14.99 35.06 -4.74
CA MET B 15 -14.53 33.87 -5.44
C MET B 15 -14.44 32.69 -4.46
N ARG B 16 -15.03 31.56 -4.84
CA ARG B 16 -14.95 30.34 -4.05
C ARG B 16 -13.98 29.35 -4.71
N ILE B 17 -12.84 29.15 -4.06
CA ILE B 17 -11.75 28.35 -4.61
C ILE B 17 -11.60 27.00 -3.90
N LEU B 18 -11.64 25.91 -4.67
CA LEU B 18 -11.20 24.60 -4.19
C LEU B 18 -9.70 24.53 -4.38
N LEU B 19 -8.96 24.57 -3.26
CA LEU B 19 -7.50 24.49 -3.30
C LEU B 19 -7.06 23.07 -3.01
N SER B 20 -6.20 22.54 -3.87
CA SER B 20 -5.67 21.21 -3.66
C SER B 20 -4.20 21.22 -4.05
N ASN B 21 -3.56 20.07 -3.91
CA ASN B 21 -2.16 19.92 -4.30
C ASN B 21 -1.81 18.46 -4.36
N ASP B 22 -0.52 18.19 -4.23
CA ASP B 22 0.02 16.88 -4.49
C ASP B 22 1.14 16.54 -3.47
N ASP B 23 1.72 17.58 -2.88
CA ASP B 23 2.72 17.46 -1.81
C ASP B 23 2.14 17.04 -0.46
N GLY B 24 0.82 17.18 -0.30
CA GLY B 24 0.12 16.80 0.93
C GLY B 24 -0.48 18.03 1.60
N VAL B 25 -1.53 17.82 2.39
CA VAL B 25 -2.27 18.92 3.03
C VAL B 25 -1.45 19.87 3.91
N HIS B 26 -0.40 19.35 4.55
CA HIS B 26 0.46 20.18 5.42
C HIS B 26 1.61 20.84 4.73
N ALA B 27 1.84 20.52 3.45
CA ALA B 27 2.98 21.05 2.69
C ALA B 27 3.03 22.58 2.68
N PRO B 28 4.25 23.17 2.75
CA PRO B 28 4.44 24.62 2.75
C PRO B 28 3.78 25.32 1.58
N GLY B 29 3.88 24.71 0.39
CA GLY B 29 3.32 25.26 -0.84
C GLY B 29 1.83 25.56 -0.74
N ILE B 30 1.05 24.53 -0.41
CA ILE B 30 -0.41 24.67 -0.35
C ILE B 30 -0.83 25.63 0.75
N GLN B 31 -0.03 25.71 1.80
CA GLN B 31 -0.36 26.51 2.99
C GLN B 31 -0.02 27.99 2.80
N THR B 32 1.08 28.30 2.14
CA THR B 32 1.42 29.68 1.83
C THR B 32 0.42 30.26 0.85
N LEU B 33 0.05 29.47 -0.15
CA LEU B 33 -0.93 29.92 -1.15
C LEU B 33 -2.31 30.08 -0.50
N ALA B 34 -2.69 29.10 0.34
CA ALA B 34 -3.95 29.15 1.06
C ALA B 34 -4.13 30.45 1.82
N LYS B 35 -3.09 30.87 2.53
CA LYS B 35 -3.09 32.09 3.32
C LYS B 35 -3.24 33.32 2.42
N ALA B 36 -2.52 33.31 1.30
CA ALA B 36 -2.57 34.42 0.34
C ALA B 36 -3.96 34.59 -0.27
N LEU B 37 -4.55 33.47 -0.70
CA LEU B 37 -5.85 33.49 -1.35
C LEU B 37 -6.95 33.92 -0.40
N ARG B 38 -6.81 33.55 0.87
CA ARG B 38 -7.85 33.83 1.87
C ARG B 38 -8.05 35.30 2.18
N GLU B 39 -7.08 36.13 1.81
CA GLU B 39 -7.22 37.57 1.96
C GLU B 39 -8.34 38.19 1.13
N PHE B 40 -8.76 37.51 0.07
CA PHE B 40 -9.79 38.05 -0.82
C PHE B 40 -10.71 36.99 -1.44
N ALA B 41 -10.57 35.73 -1.03
CA ALA B 41 -11.42 34.66 -1.56
C ALA B 41 -11.79 33.64 -0.50
N ASP B 42 -12.90 32.96 -0.70
CA ASP B 42 -13.26 31.78 0.11
C ASP B 42 -12.47 30.58 -0.40
N VAL B 43 -11.80 29.88 0.51
CA VAL B 43 -10.91 28.79 0.14
C VAL B 43 -11.31 27.52 0.89
N GLN B 44 -11.51 26.43 0.16
CA GLN B 44 -11.61 25.13 0.79
C GLN B 44 -10.46 24.23 0.30
N VAL B 45 -9.64 23.80 1.24
CA VAL B 45 -8.57 22.85 0.93
C VAL B 45 -9.18 21.47 0.96
N VAL B 46 -8.95 20.71 -0.11
CA VAL B 46 -9.17 19.25 -0.11
C VAL B 46 -7.94 18.66 -0.77
N ALA B 47 -7.09 18.03 0.04
CA ALA B 47 -5.78 17.61 -0.39
C ALA B 47 -5.43 16.17 0.08
N PRO B 48 -4.40 15.56 -0.55
CA PRO B 48 -3.96 14.24 -0.10
C PRO B 48 -3.39 14.28 1.32
N ASP B 49 -3.57 13.18 2.06
CA ASP B 49 -3.13 13.12 3.45
C ASP B 49 -1.61 13.07 3.60
N ARG B 50 -0.91 12.66 2.54
CA ARG B 50 0.56 12.73 2.50
C ARG B 50 1.10 12.94 1.08
N ASN B 51 2.43 12.97 0.95
CA ASN B 51 3.09 13.31 -0.32
C ASN B 51 2.86 12.30 -1.45
N ARG B 52 2.23 12.76 -2.54
CA ARG B 52 1.81 11.88 -3.66
C ARG B 52 2.36 12.38 -5.01
N SER B 53 3.55 12.96 -5.00
CA SER B 53 4.25 13.33 -6.23
C SER B 53 4.35 12.10 -7.15
N GLY B 54 4.21 12.36 -8.44
CA GLY B 54 4.16 11.30 -9.43
C GLY B 54 2.81 10.60 -9.56
N ALA B 55 1.77 11.12 -8.89
CA ALA B 55 0.46 10.46 -8.90
C ALA B 55 -0.26 10.55 -10.24
N SER B 56 0.13 11.51 -11.08
CA SER B 56 -0.49 11.73 -12.38
C SER B 56 -2.02 11.89 -12.19
N ASN B 57 -2.82 11.40 -13.12
N ASN B 57 -2.82 11.38 -13.13
CA ASN B 57 -4.27 11.46 -13.02
CA ASN B 57 -4.28 11.46 -13.03
C ASN B 57 -4.87 10.17 -12.48
C ASN B 57 -4.88 10.18 -12.47
N SER B 58 -4.22 9.57 -11.50
CA SER B 58 -4.70 8.31 -10.95
C SER B 58 -5.92 8.55 -10.07
N LEU B 59 -6.83 7.59 -10.08
CA LEU B 59 -7.99 7.63 -9.21
C LEU B 59 -8.29 6.31 -8.51
N THR B 60 -8.87 6.42 -7.33
CA THR B 60 -9.20 5.28 -6.50
C THR B 60 -10.58 4.75 -6.87
N LEU B 61 -10.58 3.65 -7.61
CA LEU B 61 -11.82 3.02 -8.06
C LEU B 61 -12.10 1.71 -7.33
N GLU B 62 -11.06 1.09 -6.79
CA GLU B 62 -11.24 -0.23 -6.18
C GLU B 62 -11.72 -0.17 -4.73
N SER B 63 -11.50 0.98 -4.09
CA SER B 63 -11.84 1.18 -2.68
CA SER B 63 -11.87 1.15 -2.69
C SER B 63 -12.49 2.52 -2.45
N SER B 64 -13.33 2.61 -1.43
CA SER B 64 -13.92 3.86 -0.97
C SER B 64 -12.90 4.70 -0.22
N LEU B 65 -13.13 6.01 -0.19
CA LEU B 65 -12.17 6.95 0.39
C LEU B 65 -12.62 7.51 1.75
N ARG B 66 -11.66 7.64 2.66
CA ARG B 66 -11.92 8.16 3.99
C ARG B 66 -11.40 9.58 4.08
N THR B 67 -12.18 10.48 4.67
CA THR B 67 -11.75 11.87 4.83
C THR B 67 -11.48 12.17 6.29
N PHE B 68 -10.63 13.17 6.51
CA PHE B 68 -10.41 13.73 7.84
C PHE B 68 -10.43 15.26 7.75
N THR B 69 -11.27 15.89 8.58
CA THR B 69 -11.38 17.35 8.60
C THR B 69 -10.57 17.91 9.76
N PHE B 70 -9.69 18.86 9.47
CA PHE B 70 -8.86 19.52 10.48
C PHE B 70 -9.60 20.68 11.17
N ASP B 71 -8.92 21.35 12.09
CA ASP B 71 -9.54 22.43 12.88
C ASP B 71 -9.88 23.66 12.06
N ASN B 72 -8.95 24.06 11.19
CA ASN B 72 -9.18 25.19 10.27
C ASN B 72 -10.16 24.87 9.14
N GLY B 73 -10.76 23.68 9.19
CA GLY B 73 -11.74 23.25 8.18
C GLY B 73 -11.17 22.51 6.98
N ASP B 74 -9.85 22.39 6.92
CA ASP B 74 -9.16 21.68 5.85
C ASP B 74 -9.57 20.23 5.83
N ILE B 75 -9.87 19.70 4.64
CA ILE B 75 -10.14 18.27 4.48
C ILE B 75 -8.94 17.55 3.87
N ALA B 76 -8.57 16.42 4.45
CA ALA B 76 -7.56 15.54 3.86
C ALA B 76 -8.20 14.22 3.49
N VAL B 77 -7.89 13.72 2.31
CA VAL B 77 -8.39 12.43 1.87
C VAL B 77 -7.31 11.39 2.12
N GLN B 78 -7.63 10.40 2.95
CA GLN B 78 -6.65 9.40 3.31
C GLN B 78 -6.35 8.51 2.12
N MET B 79 -5.07 8.44 1.75
CA MET B 79 -4.60 7.62 0.64
C MET B 79 -5.18 8.07 -0.71
N GLY B 80 -5.81 9.24 -0.72
CA GLY B 80 -6.46 9.76 -1.90
C GLY B 80 -5.51 10.50 -2.81
N THR B 81 -5.68 10.28 -4.11
CA THR B 81 -4.85 10.91 -5.12
C THR B 81 -5.36 12.33 -5.28
N PRO B 82 -4.57 13.22 -5.90
CA PRO B 82 -5.04 14.60 -6.10
C PRO B 82 -6.35 14.68 -6.87
N THR B 83 -6.51 13.83 -7.88
CA THR B 83 -7.74 13.75 -8.66
C THR B 83 -8.91 13.22 -7.80
N ASP B 84 -8.64 12.32 -6.87
CA ASP B 84 -9.66 11.91 -5.89
C ASP B 84 -10.16 13.16 -5.19
N CYS B 85 -9.21 13.94 -4.67
CA CYS B 85 -9.53 15.11 -3.85
C CYS B 85 -10.44 16.06 -4.60
N VAL B 86 -10.02 16.45 -5.80
CA VAL B 86 -10.79 17.38 -6.60
C VAL B 86 -12.14 16.77 -6.94
N TYR B 87 -12.16 15.47 -7.20
CA TYR B 87 -13.42 14.77 -7.48
C TYR B 87 -14.41 14.88 -6.33
N LEU B 88 -13.94 14.61 -5.11
CA LEU B 88 -14.81 14.65 -3.91
C LEU B 88 -15.18 16.08 -3.54
N GLY B 89 -14.23 17.00 -3.69
CA GLY B 89 -14.47 18.41 -3.43
C GLY B 89 -15.57 18.98 -4.30
N VAL B 90 -15.47 18.76 -5.61
CA VAL B 90 -16.41 19.31 -6.58
C VAL B 90 -17.77 18.66 -6.46
N ASN B 91 -17.79 17.33 -6.30
CA ASN B 91 -19.04 16.56 -6.41
C ASN B 91 -19.77 16.36 -5.08
N ALA B 92 -19.04 16.24 -3.98
CA ALA B 92 -19.70 15.93 -2.70
C ALA B 92 -19.48 16.91 -1.53
N LEU B 93 -18.26 17.45 -1.41
CA LEU B 93 -17.84 18.10 -0.18
C LEU B 93 -17.98 19.61 -0.13
N MET B 94 -17.95 20.27 -1.28
CA MET B 94 -18.26 21.70 -1.36
C MET B 94 -19.67 21.89 -1.92
N ARG B 95 -20.52 22.60 -1.18
CA ARG B 95 -21.89 22.89 -1.61
C ARG B 95 -22.16 24.38 -1.42
N PRO B 96 -22.48 25.11 -2.52
CA PRO B 96 -22.43 24.69 -3.92
C PRO B 96 -21.01 24.37 -4.39
N ARG B 97 -20.87 23.89 -5.64
CA ARG B 97 -19.59 23.56 -6.23
C ARG B 97 -18.72 24.82 -6.30
N PRO B 98 -17.37 24.66 -6.29
CA PRO B 98 -16.47 25.81 -6.38
C PRO B 98 -16.50 26.51 -7.73
N ASP B 99 -16.05 27.78 -7.76
CA ASP B 99 -15.88 28.52 -9.02
C ASP B 99 -14.76 27.93 -9.90
N ILE B 100 -13.71 27.43 -9.23
CA ILE B 100 -12.40 27.17 -9.82
C ILE B 100 -11.59 26.25 -8.91
N VAL B 101 -10.67 25.48 -9.51
CA VAL B 101 -9.70 24.70 -8.77
C VAL B 101 -8.31 25.34 -8.92
N VAL B 102 -7.63 25.52 -7.78
CA VAL B 102 -6.23 25.91 -7.82
C VAL B 102 -5.42 24.76 -7.22
N SER B 103 -4.43 24.31 -7.98
CA SER B 103 -3.54 23.27 -7.51
C SER B 103 -2.14 23.80 -7.29
N GLY B 104 -1.60 23.55 -6.10
CA GLY B 104 -0.26 24.02 -5.76
C GLY B 104 -0.24 24.75 -4.42
N ILE B 105 0.82 25.52 -4.15
CA ILE B 105 2.01 25.61 -4.99
C ILE B 105 2.88 24.36 -4.82
N ASN B 106 3.26 23.74 -5.95
CA ASN B 106 4.08 22.54 -5.91
C ASN B 106 5.57 22.80 -5.66
N ALA B 107 6.14 21.99 -4.78
CA ALA B 107 7.58 21.98 -4.55
C ALA B 107 8.30 21.37 -5.75
N GLY B 108 8.69 22.23 -6.71
CA GLY B 108 9.39 21.75 -7.90
C GLY B 108 8.55 21.92 -9.15
N PRO B 109 9.22 22.08 -10.31
CA PRO B 109 8.61 22.34 -11.61
C PRO B 109 7.80 21.17 -12.17
N ASN B 110 6.80 21.51 -12.98
CA ASN B 110 6.11 20.53 -13.81
C ASN B 110 6.13 21.05 -15.26
N LEU B 111 7.16 20.65 -16.01
CA LEU B 111 7.43 21.23 -17.32
C LEU B 111 7.44 20.21 -18.44
N GLY B 112 7.29 20.70 -19.67
CA GLY B 112 7.42 19.89 -20.87
C GLY B 112 6.57 18.64 -20.88
N ASP B 113 7.17 17.52 -21.29
CA ASP B 113 6.46 16.25 -21.36
C ASP B 113 6.40 15.51 -20.01
N ASP B 114 6.88 16.16 -18.94
CA ASP B 114 6.70 15.70 -17.56
C ASP B 114 5.28 15.94 -17.03
N VAL B 115 4.53 16.86 -17.64
CA VAL B 115 3.23 17.26 -17.06
C VAL B 115 2.15 16.18 -17.02
N ILE B 116 2.27 15.16 -17.86
CA ILE B 116 1.33 14.02 -17.84
C ILE B 116 1.49 13.15 -16.59
N TYR B 117 2.65 13.24 -15.93
CA TYR B 117 2.91 12.51 -14.69
C TYR B 117 2.62 13.36 -13.46
N SER B 118 2.44 14.66 -13.68
CA SER B 118 2.23 15.60 -12.59
C SER B 118 0.86 15.44 -11.94
N GLY B 119 0.85 15.15 -10.64
CA GLY B 119 -0.38 15.08 -9.86
C GLY B 119 -0.93 16.47 -9.58
N THR B 120 -0.03 17.45 -9.55
CA THR B 120 -0.40 18.85 -9.41
C THR B 120 -1.28 19.26 -10.59
N VAL B 121 -0.81 18.99 -11.79
CA VAL B 121 -1.54 19.26 -13.02
C VAL B 121 -2.86 18.46 -13.05
N ALA B 122 -2.78 17.19 -12.67
CA ALA B 122 -3.96 16.33 -12.63
C ALA B 122 -5.12 16.92 -11.83
N ALA B 123 -4.82 17.53 -10.68
CA ALA B 123 -5.87 18.10 -9.84
C ALA B 123 -6.51 19.31 -10.53
N ALA B 124 -5.69 20.15 -11.15
CA ALA B 124 -6.19 21.23 -11.98
C ALA B 124 -7.07 20.71 -13.13
N MET B 125 -6.64 19.64 -13.81
CA MET B 125 -7.42 19.07 -14.91
C MET B 125 -8.76 18.48 -14.48
N ALA B 126 -8.87 18.12 -13.20
CA ALA B 126 -10.13 17.55 -12.74
C ALA B 126 -11.18 18.64 -12.52
N GLY B 127 -10.74 19.90 -12.50
CA GLY B 127 -11.62 21.04 -12.32
C GLY B 127 -11.83 21.82 -13.61
N ARG B 128 -11.58 21.17 -14.75
CA ARG B 128 -11.66 21.81 -16.05
C ARG B 128 -13.09 22.20 -16.47
N HIS B 129 -14.10 21.69 -15.78
CA HIS B 129 -15.49 21.94 -16.18
C HIS B 129 -16.21 22.88 -15.25
N LEU B 130 -15.44 23.75 -14.59
CA LEU B 130 -16.01 24.73 -13.67
C LEU B 130 -16.13 26.08 -14.35
N GLY B 131 -16.56 27.09 -13.61
CA GLY B 131 -16.83 28.42 -14.14
C GLY B 131 -15.61 29.19 -14.58
N PHE B 132 -14.44 28.82 -14.04
CA PHE B 132 -13.17 29.45 -14.40
C PHE B 132 -12.18 28.38 -14.81
N PRO B 133 -11.19 28.72 -15.65
CA PRO B 133 -10.18 27.71 -15.98
C PRO B 133 -9.29 27.40 -14.78
N ALA B 134 -8.95 26.13 -14.61
CA ALA B 134 -8.17 25.67 -13.47
C ALA B 134 -6.75 26.22 -13.50
N LEU B 135 -6.13 26.34 -12.34
CA LEU B 135 -4.75 26.77 -12.26
C LEU B 135 -3.89 25.68 -11.66
N ALA B 136 -2.88 25.24 -12.41
CA ALA B 136 -1.81 24.42 -11.87
C ALA B 136 -0.64 25.36 -11.60
N VAL B 137 -0.12 25.35 -10.38
CA VAL B 137 0.93 26.29 -10.00
C VAL B 137 2.14 25.56 -9.41
N SER B 138 3.28 25.64 -10.09
CA SER B 138 4.52 24.98 -9.62
C SER B 138 5.67 25.96 -9.47
N LEU B 139 6.34 25.90 -8.32
CA LEU B 139 7.57 26.64 -8.08
C LEU B 139 8.79 25.84 -8.53
N ASN B 140 9.65 26.47 -9.32
CA ASN B 140 10.89 25.86 -9.80
C ASN B 140 11.97 25.82 -8.70
N GLY B 141 11.65 25.15 -7.59
CA GLY B 141 12.52 25.15 -6.41
C GLY B 141 11.70 25.11 -5.13
N TYR B 142 12.27 25.61 -4.04
CA TYR B 142 11.62 25.51 -2.72
C TYR B 142 11.74 26.78 -1.89
N GLN B 143 12.30 27.83 -2.49
CA GLN B 143 12.60 29.04 -1.74
C GLN B 143 11.44 30.05 -1.70
N HIS B 144 10.97 30.46 -2.88
CA HIS B 144 10.02 31.54 -2.99
C HIS B 144 8.60 31.11 -3.25
N TYR B 145 7.96 30.57 -2.23
CA TYR B 145 6.51 30.31 -2.26
C TYR B 145 5.70 31.60 -2.30
N ASP B 146 6.22 32.65 -1.66
CA ASP B 146 5.58 33.96 -1.64
CA ASP B 146 5.56 33.96 -1.64
C ASP B 146 5.44 34.55 -3.04
N THR B 147 6.50 34.41 -3.84
CA THR B 147 6.52 34.85 -5.24
C THR B 147 5.40 34.17 -6.05
N ALA B 148 5.29 32.85 -5.90
CA ALA B 148 4.31 32.06 -6.63
C ALA B 148 2.87 32.33 -6.17
N ALA B 149 2.71 32.65 -4.89
CA ALA B 149 1.42 33.04 -4.34
C ALA B 149 0.93 34.38 -4.93
N ALA B 150 1.87 35.31 -5.07
CA ALA B 150 1.61 36.61 -5.66
C ALA B 150 1.20 36.45 -7.12
N VAL B 151 1.91 35.56 -7.84
CA VAL B 151 1.63 35.29 -9.24
C VAL B 151 0.23 34.71 -9.39
N THR B 152 -0.13 33.76 -8.51
CA THR B 152 -1.45 33.16 -8.52
C THR B 152 -2.56 34.19 -8.23
N CYS B 153 -2.39 34.96 -7.16
CA CYS B 153 -3.36 36.01 -6.81
C CYS B 153 -3.58 36.98 -7.96
N ALA B 154 -2.51 37.34 -8.66
CA ALA B 154 -2.60 38.15 -9.87
C ALA B 154 -3.43 37.49 -10.99
N LEU B 155 -3.19 36.20 -11.26
CA LEU B 155 -3.96 35.51 -12.28
C LEU B 155 -5.44 35.41 -11.88
N LEU B 156 -5.70 35.23 -10.60
CA LEU B 156 -7.07 35.15 -10.13
C LEU B 156 -7.77 36.50 -10.26
N ARG B 157 -7.06 37.56 -9.89
CA ARG B 157 -7.53 38.92 -10.12
C ARG B 157 -7.83 39.13 -11.59
N GLY B 158 -6.91 38.72 -12.45
CA GLY B 158 -7.08 38.82 -13.90
C GLY B 158 -8.27 38.04 -14.46
N LEU B 159 -8.58 36.90 -13.86
CA LEU B 159 -9.69 36.06 -14.31
C LEU B 159 -11.06 36.66 -13.98
N SER B 160 -11.08 37.66 -13.09
CA SER B 160 -12.33 38.26 -12.67
C SER B 160 -12.52 39.67 -13.25
N ARG B 161 -11.48 40.21 -13.86
CA ARG B 161 -11.60 41.49 -14.55
C ARG B 161 -12.21 41.24 -15.92
N GLU B 162 -11.92 40.07 -16.47
CA GLU B 162 -12.30 39.72 -17.84
C GLU B 162 -12.13 38.21 -18.03
N PRO B 163 -13.18 37.55 -18.55
CA PRO B 163 -13.16 36.08 -18.65
C PRO B 163 -12.13 35.62 -19.66
N LEU B 164 -11.46 34.49 -19.37
CA LEU B 164 -10.62 33.84 -20.35
C LEU B 164 -11.51 32.89 -21.14
N ARG B 165 -11.69 33.21 -22.43
CA ARG B 165 -12.66 32.57 -23.34
C ARG B 165 -12.34 31.13 -23.77
N THR B 166 -11.06 30.79 -23.82
CA THR B 166 -10.64 29.49 -24.37
C THR B 166 -9.53 28.90 -23.51
N GLY B 167 -9.61 27.60 -23.26
CA GLY B 167 -8.58 26.90 -22.51
C GLY B 167 -9.04 26.69 -21.08
N ARG B 168 -9.28 25.44 -20.73
CA ARG B 168 -9.84 25.10 -19.43
C ARG B 168 -8.80 24.89 -18.33
N ILE B 169 -7.51 24.86 -18.70
CA ILE B 169 -6.42 24.64 -17.75
C ILE B 169 -5.26 25.56 -18.05
N LEU B 170 -4.76 26.24 -17.03
CA LEU B 170 -3.50 26.99 -17.15
C LEU B 170 -2.45 26.35 -16.24
N ASN B 171 -1.45 25.71 -16.87
CA ASN B 171 -0.30 25.20 -16.16
C ASN B 171 0.71 26.34 -15.97
N VAL B 172 0.93 26.70 -14.70
CA VAL B 172 1.74 27.87 -14.36
C VAL B 172 3.04 27.43 -13.69
N ASN B 173 4.16 27.92 -14.20
CA ASN B 173 5.46 27.64 -13.58
C ASN B 173 6.18 28.93 -13.20
N VAL B 174 6.53 29.02 -11.93
CA VAL B 174 7.06 30.25 -11.36
C VAL B 174 8.54 30.07 -11.08
N PRO B 175 9.39 30.98 -11.60
CA PRO B 175 10.84 30.94 -11.31
C PRO B 175 11.08 31.14 -9.81
N ASP B 176 12.09 30.46 -9.26
CA ASP B 176 12.34 30.54 -7.82
C ASP B 176 13.14 31.79 -7.47
N LEU B 177 12.54 32.96 -7.70
CA LEU B 177 13.19 34.24 -7.44
C LEU B 177 12.30 35.10 -6.56
N PRO B 178 12.86 36.15 -5.92
CA PRO B 178 11.95 37.11 -5.30
C PRO B 178 11.15 37.82 -6.39
N LEU B 179 9.90 38.16 -6.11
CA LEU B 179 8.98 38.74 -7.10
C LEU B 179 9.62 39.85 -7.96
N ALA B 180 10.44 40.70 -7.35
CA ALA B 180 11.10 41.81 -8.04
C ALA B 180 11.97 41.40 -9.22
N GLN B 181 12.42 40.15 -9.23
CA GLN B 181 13.34 39.70 -10.28
C GLN B 181 12.67 38.90 -11.40
N VAL B 182 11.39 38.59 -11.23
CA VAL B 182 10.62 37.96 -12.30
C VAL B 182 10.40 38.98 -13.41
N LYS B 183 10.80 38.63 -14.62
CA LYS B 183 10.75 39.55 -15.74
C LYS B 183 9.33 39.72 -16.27
N GLY B 184 8.51 38.70 -16.08
CA GLY B 184 7.12 38.77 -16.46
C GLY B 184 6.53 37.41 -16.71
N ILE B 185 5.83 37.28 -17.84
CA ILE B 185 4.98 36.14 -18.10
C ILE B 185 4.98 35.84 -19.59
N ARG B 186 5.19 34.58 -19.93
CA ARG B 186 5.13 34.14 -21.32
C ARG B 186 4.10 33.04 -21.50
N VAL B 187 3.28 33.18 -22.54
CA VAL B 187 2.36 32.13 -22.90
C VAL B 187 3.17 31.16 -23.75
N THR B 188 3.25 29.91 -23.30
CA THR B 188 4.23 28.95 -23.80
C THR B 188 3.58 27.64 -24.22
N ARG B 189 4.34 26.80 -24.92
CA ARG B 189 3.98 25.39 -25.16
C ARG B 189 4.91 24.49 -24.32
N CYS B 190 4.45 23.28 -24.03
CA CYS B 190 5.25 22.31 -23.30
C CYS B 190 6.48 21.88 -24.11
N GLY B 191 7.64 21.91 -23.46
CA GLY B 191 8.89 21.39 -24.04
C GLY B 191 8.88 19.88 -24.12
N SER B 192 10.04 19.28 -24.35
CA SER B 192 10.13 17.82 -24.44
C SER B 192 11.48 17.29 -23.98
N ARG B 193 11.55 15.98 -23.75
CA ARG B 193 12.80 15.36 -23.31
C ARG B 193 13.17 14.15 -24.15
N HIS B 194 14.47 13.89 -24.25
CA HIS B 194 14.99 12.60 -24.71
C HIS B 194 14.49 11.55 -23.75
N PRO B 195 14.24 10.33 -24.23
CA PRO B 195 13.63 9.34 -23.32
C PRO B 195 14.45 9.13 -22.07
N ALA B 196 13.78 8.97 -20.94
CA ALA B 196 14.45 8.56 -19.70
C ALA B 196 14.86 7.10 -19.84
N ASP B 197 16.04 6.76 -19.32
CA ASP B 197 16.50 5.36 -19.37
C ASP B 197 17.33 4.91 -18.16
N LYS B 198 17.52 5.80 -17.19
CA LYS B 198 18.26 5.44 -15.99
C LYS B 198 17.41 4.73 -14.94
N VAL B 199 17.91 3.58 -14.51
CA VAL B 199 17.33 2.82 -13.41
C VAL B 199 18.45 2.56 -12.41
N ILE B 200 18.23 2.96 -11.15
CA ILE B 200 19.25 2.76 -10.12
C ILE B 200 18.92 1.54 -9.27
N PRO B 201 19.57 0.41 -9.56
CA PRO B 201 19.34 -0.78 -8.75
C PRO B 201 20.10 -0.71 -7.43
N GLN B 202 19.43 -1.11 -6.36
CA GLN B 202 20.10 -1.32 -5.07
C GLN B 202 19.69 -2.67 -4.52
N GLU B 203 20.65 -3.37 -3.93
CA GLU B 203 20.39 -4.67 -3.34
C GLU B 203 19.83 -4.54 -1.93
N ASP B 204 18.95 -5.46 -1.55
CA ASP B 204 18.48 -5.50 -0.16
C ASP B 204 19.44 -6.38 0.66
N PRO B 205 19.25 -6.46 2.00
CA PRO B 205 20.15 -7.25 2.85
C PRO B 205 20.21 -8.74 2.50
N ARG B 206 19.24 -9.25 1.75
CA ARG B 206 19.23 -10.67 1.39
C ARG B 206 19.77 -10.95 -0.01
N GLY B 207 20.40 -9.97 -0.63
CA GLY B 207 20.96 -10.13 -1.98
C GLY B 207 20.01 -10.00 -3.15
N ASN B 208 18.76 -9.59 -2.90
CA ASN B 208 17.77 -9.36 -3.96
C ASN B 208 17.93 -7.96 -4.57
N THR B 209 17.79 -7.86 -5.89
CA THR B 209 17.90 -6.56 -6.59
C THR B 209 16.54 -5.83 -6.67
N LEU B 210 16.53 -4.59 -6.16
CA LEU B 210 15.37 -3.70 -6.20
C LEU B 210 15.70 -2.50 -7.08
N TYR B 211 14.67 -1.87 -7.64
CA TYR B 211 14.89 -0.87 -8.69
C TYR B 211 14.25 0.48 -8.41
N TRP B 212 15.07 1.52 -8.49
CA TRP B 212 14.61 2.90 -8.38
C TRP B 212 14.43 3.45 -9.75
N ILE B 213 13.35 4.18 -9.95
CA ILE B 213 13.14 4.94 -11.17
C ILE B 213 14.07 6.16 -11.16
N GLY B 214 14.93 6.25 -12.17
CA GLY B 214 15.93 7.31 -12.25
C GLY B 214 15.44 8.67 -12.68
N PRO B 215 16.38 9.58 -12.98
CA PRO B 215 16.09 10.97 -13.34
C PRO B 215 15.41 11.08 -14.71
N PRO B 216 14.73 12.22 -14.97
CA PRO B 216 14.19 12.47 -16.29
C PRO B 216 15.25 12.42 -17.40
N GLY B 217 14.82 12.24 -18.64
CA GLY B 217 15.72 12.34 -19.78
C GLY B 217 16.25 13.76 -19.94
N ASP B 218 17.32 13.89 -20.72
CA ASP B 218 17.86 15.21 -21.03
C ASP B 218 16.86 16.04 -21.84
N LYS B 219 16.79 17.35 -21.54
CA LYS B 219 15.97 18.28 -22.30
C LYS B 219 16.28 18.19 -23.78
N TYR B 220 15.25 18.12 -24.59
CA TYR B 220 15.38 17.98 -26.02
C TYR B 220 14.79 19.16 -26.80
N ASP B 221 13.53 19.46 -26.57
CA ASP B 221 12.90 20.67 -27.12
C ASP B 221 12.80 21.68 -25.96
N ALA B 222 13.86 22.45 -25.77
CA ALA B 222 13.88 23.52 -24.78
C ALA B 222 13.96 24.87 -25.49
N GLY B 223 13.39 24.93 -26.69
CA GLY B 223 13.42 26.11 -27.57
C GLY B 223 12.84 27.38 -26.98
N PRO B 224 13.03 28.53 -27.68
CA PRO B 224 12.68 29.85 -27.12
C PRO B 224 11.20 29.99 -26.77
N ASP B 225 10.33 29.28 -27.45
CA ASP B 225 8.89 29.39 -27.22
C ASP B 225 8.33 28.39 -26.19
N THR B 226 9.22 27.62 -25.56
CA THR B 226 8.83 26.56 -24.62
C THR B 226 8.77 27.00 -23.15
N ASP B 227 8.11 26.18 -22.34
CA ASP B 227 8.05 26.38 -20.89
C ASP B 227 9.40 26.23 -20.15
N PHE B 228 10.26 25.32 -20.64
CA PHE B 228 11.62 25.19 -20.12
C PHE B 228 12.40 26.52 -20.20
N ALA B 229 12.35 27.15 -21.36
CA ALA B 229 13.14 28.35 -21.65
C ALA B 229 12.67 29.55 -20.82
N ALA B 230 11.35 29.76 -20.81
CA ALA B 230 10.72 30.89 -20.09
C ALA B 230 11.16 30.95 -18.63
N VAL B 231 11.08 29.81 -17.95
CA VAL B 231 11.47 29.69 -16.54
C VAL B 231 12.97 29.95 -16.39
N ASP B 232 13.77 29.40 -17.30
CA ASP B 232 15.23 29.63 -17.29
C ASP B 232 15.59 31.10 -17.44
N GLU B 233 14.76 31.85 -18.16
CA GLU B 233 14.98 33.26 -18.39
C GLU B 233 14.33 34.15 -17.34
N GLY B 234 13.67 33.55 -16.35
CA GLY B 234 13.08 34.27 -15.23
C GLY B 234 11.67 34.80 -15.48
N TYR B 235 10.95 34.14 -16.40
CA TYR B 235 9.56 34.49 -16.69
C TYR B 235 8.61 33.43 -16.15
N VAL B 236 7.46 33.86 -15.67
CA VAL B 236 6.40 32.94 -15.32
C VAL B 236 5.93 32.32 -16.62
N SER B 237 6.03 31.01 -16.72
CA SER B 237 5.50 30.32 -17.88
C SER B 237 4.02 29.95 -17.66
N VAL B 238 3.18 30.31 -18.63
CA VAL B 238 1.79 29.87 -18.65
C VAL B 238 1.59 29.06 -19.93
N THR B 239 1.09 27.83 -19.78
CA THR B 239 0.75 26.99 -20.91
C THR B 239 -0.68 26.55 -20.75
N PRO B 240 -1.54 26.86 -21.74
CA PRO B 240 -2.87 26.27 -21.78
C PRO B 240 -2.76 24.78 -22.10
N LEU B 241 -3.45 23.95 -21.30
CA LEU B 241 -3.45 22.51 -21.50
C LEU B 241 -4.85 22.02 -21.84
N HIS B 242 -4.93 20.84 -22.45
CA HIS B 242 -6.18 20.09 -22.58
C HIS B 242 -5.97 18.64 -22.32
N VAL B 243 -7.07 17.91 -22.16
CA VAL B 243 -7.01 16.48 -21.89
C VAL B 243 -7.12 15.61 -23.15
N ASP B 244 -7.29 16.22 -24.32
CA ASP B 244 -7.35 15.44 -25.56
C ASP B 244 -5.95 15.01 -25.97
N LEU B 245 -5.75 13.70 -26.12
CA LEU B 245 -4.42 13.17 -26.43
C LEU B 245 -4.23 12.76 -27.90
N THR B 246 -5.28 12.94 -28.71
CA THR B 246 -5.24 12.68 -30.14
C THR B 246 -4.03 13.37 -30.75
N ALA B 247 -3.26 12.59 -31.49
CA ALA B 247 -2.18 13.09 -32.32
C ALA B 247 -2.74 13.21 -33.74
N ALA B 248 -3.49 14.29 -33.97
CA ALA B 248 -4.24 14.52 -35.21
C ALA B 248 -3.38 14.50 -36.48
N SER B 249 -2.15 15.00 -36.37
CA SER B 249 -1.24 15.02 -37.51
C SER B 249 -0.79 13.64 -37.99
N ALA B 250 -1.07 12.59 -37.21
CA ALA B 250 -0.68 11.23 -37.55
C ALA B 250 -1.79 10.42 -38.22
N HIS B 251 -2.98 11.02 -38.31
CA HIS B 251 -4.17 10.35 -38.81
C HIS B 251 -4.02 9.73 -40.18
N ASP B 252 -3.55 10.53 -41.15
CA ASP B 252 -3.43 10.09 -42.54
C ASP B 252 -2.39 8.98 -42.67
N VAL B 253 -1.21 9.23 -42.10
CA VAL B 253 -0.14 8.25 -42.10
C VAL B 253 -0.63 6.92 -41.53
N VAL B 254 -1.37 6.95 -40.42
CA VAL B 254 -1.91 5.73 -39.82
C VAL B 254 -2.89 5.03 -40.75
N SER B 255 -3.84 5.80 -41.31
CA SER B 255 -4.81 5.24 -42.25
CA SER B 255 -4.82 5.29 -42.28
C SER B 255 -4.13 4.63 -43.47
N ASP B 256 -3.23 5.37 -44.10
CA ASP B 256 -2.52 4.86 -45.26
C ASP B 256 -1.78 3.56 -44.94
N TRP B 257 -1.10 3.56 -43.79
CA TRP B 257 -0.38 2.37 -43.33
C TRP B 257 -1.25 1.15 -43.25
N LEU B 258 -2.47 1.31 -42.72
CA LEU B 258 -3.39 0.19 -42.57
C LEU B 258 -3.81 -0.41 -43.92
N ASP B 259 -4.18 0.45 -44.87
CA ASP B 259 -4.43 0.04 -46.24
C ASP B 259 -3.20 -0.65 -46.80
N SER B 260 -2.05 -0.02 -46.60
CA SER B 260 -0.80 -0.54 -47.09
C SER B 260 -0.51 -1.99 -46.64
N VAL B 261 -0.80 -2.32 -45.39
CA VAL B 261 -0.51 -3.69 -44.91
C VAL B 261 -1.73 -4.62 -44.86
N GLY B 262 -2.87 -4.14 -45.35
CA GLY B 262 -4.10 -4.94 -45.41
C GLY B 262 -4.72 -5.29 -44.06
N VAL B 263 -4.67 -4.36 -43.11
CA VAL B 263 -5.36 -4.58 -41.85
C VAL B 263 -6.67 -3.83 -41.87
N GLY B 264 -7.75 -4.55 -41.57
CA GLY B 264 -9.10 -4.01 -41.64
C GLY B 264 -9.74 -4.11 -43.01
N THR B 265 -8.92 -4.24 -44.05
CA THR B 265 -9.37 -4.37 -45.44
C THR B 265 -9.01 -5.73 -46.04
N GLN B 266 -9.83 -6.21 -46.99
CA GLN B 266 -9.56 -7.48 -47.65
C GLN B 266 -8.53 -7.41 -48.78
N TRP B 267 -8.33 -6.21 -49.35
CA TRP B 267 -7.52 -6.03 -50.56
C TRP B 267 -6.42 -5.03 -50.38
N ALA C 13 22.87 11.87 36.03
CA ALA C 13 22.12 11.62 34.76
C ALA C 13 20.76 10.95 35.03
N SER C 14 19.71 11.49 34.40
CA SER C 14 18.35 10.95 34.54
C SER C 14 17.97 10.00 33.40
N MET C 15 16.77 9.41 33.50
CA MET C 15 16.27 8.40 32.54
C MET C 15 16.23 8.89 31.10
N ARG C 16 16.58 8.00 30.19
CA ARG C 16 16.43 8.27 28.76
C ARG C 16 15.30 7.41 28.21
N ILE C 17 14.19 8.07 27.88
CA ILE C 17 12.99 7.38 27.41
C ILE C 17 12.82 7.47 25.90
N LEU C 18 12.82 6.30 25.25
CA LEU C 18 12.34 6.17 23.89
C LEU C 18 10.84 5.99 24.02
N LEU C 19 10.10 6.99 23.57
CA LEU C 19 8.64 6.95 23.61
C LEU C 19 8.08 6.74 22.20
N SER C 20 7.15 5.80 22.11
CA SER C 20 6.50 5.45 20.85
C SER C 20 5.03 5.22 21.14
N ASN C 21 4.25 5.02 20.10
CA ASN C 21 2.84 4.63 20.25
C ASN C 21 2.33 3.86 19.04
N ASP C 22 1.01 3.81 18.93
CA ASP C 22 0.34 3.03 17.91
C ASP C 22 -0.54 3.95 17.05
N ASP C 23 -0.90 5.11 17.59
CA ASP C 23 -1.77 6.04 16.89
C ASP C 23 -1.00 7.16 16.17
N GLY C 24 0.34 7.11 16.21
CA GLY C 24 1.19 8.04 15.45
C GLY C 24 1.58 9.34 16.14
N VAL C 25 2.68 9.94 15.68
CA VAL C 25 3.32 11.13 16.28
C VAL C 25 2.39 12.28 16.74
N HIS C 26 1.27 12.45 16.05
CA HIS C 26 0.35 13.57 16.32
C HIS C 26 -0.78 13.24 17.24
N ALA C 27 -0.92 11.98 17.63
CA ALA C 27 -1.97 11.60 18.57
C ALA C 27 -1.83 12.35 19.88
N PRO C 28 -2.95 12.89 20.41
CA PRO C 28 -2.90 13.61 21.69
C PRO C 28 -2.26 12.77 22.80
N GLY C 29 -2.60 11.48 22.83
CA GLY C 29 -2.16 10.54 23.85
C GLY C 29 -0.65 10.45 24.04
N ILE C 30 0.10 10.53 22.94
CA ILE C 30 1.55 10.45 23.02
C ILE C 30 2.17 11.81 23.32
N GLN C 31 1.49 12.87 22.87
CA GLN C 31 1.95 14.24 23.09
C GLN C 31 1.75 14.64 24.55
N THR C 32 0.58 14.33 25.10
CA THR C 32 0.30 14.55 26.51
C THR C 32 1.37 13.91 27.38
N LEU C 33 1.60 12.61 27.15
CA LEU C 33 2.60 11.83 27.87
C LEU C 33 4.01 12.41 27.70
N ALA C 34 4.38 12.73 26.47
CA ALA C 34 5.67 13.35 26.17
C ALA C 34 5.90 14.64 26.96
N LYS C 35 4.85 15.44 27.12
CA LYS C 35 4.93 16.67 27.89
C LYS C 35 5.18 16.35 29.36
N ALA C 36 4.38 15.45 29.93
CA ALA C 36 4.53 15.05 31.32
C ALA C 36 5.92 14.49 31.59
N LEU C 37 6.38 13.58 30.72
CA LEU C 37 7.65 12.88 30.90
C LEU C 37 8.84 13.81 30.71
N ARG C 38 8.68 14.85 29.89
CA ARG C 38 9.80 15.75 29.61
C ARG C 38 10.24 16.56 30.82
N GLU C 39 9.32 16.75 31.77
CA GLU C 39 9.62 17.45 33.03
C GLU C 39 10.78 16.84 33.82
N PHE C 40 10.86 15.52 33.85
CA PHE C 40 11.85 14.83 34.68
C PHE C 40 12.72 13.83 33.94
N ALA C 41 12.48 13.65 32.65
CA ALA C 41 13.21 12.66 31.86
C ALA C 41 13.65 13.18 30.49
N ASP C 42 14.63 12.47 29.92
CA ASP C 42 15.16 12.78 28.60
C ASP C 42 14.37 11.96 27.59
N VAL C 43 13.53 12.63 26.79
CA VAL C 43 12.57 11.94 25.93
C VAL C 43 12.85 12.09 24.43
N GLN C 44 12.92 10.95 23.74
CA GLN C 44 12.98 10.92 22.27
C GLN C 44 11.79 10.14 21.72
N VAL C 45 10.92 10.86 21.00
CA VAL C 45 9.76 10.25 20.36
C VAL C 45 10.14 9.68 19.00
N VAL C 46 9.85 8.39 18.80
CA VAL C 46 9.95 7.74 17.50
C VAL C 46 8.70 6.91 17.31
N ALA C 47 7.77 7.41 16.51
CA ALA C 47 6.44 6.80 16.37
C ALA C 47 6.00 6.74 14.91
N PRO C 48 4.94 5.96 14.61
CA PRO C 48 4.41 5.91 13.24
C PRO C 48 4.02 7.31 12.74
N ASP C 49 3.92 7.48 11.42
CA ASP C 49 3.56 8.78 10.84
C ASP C 49 2.07 9.10 10.93
N ARG C 50 1.25 8.06 11.06
CA ARG C 50 -0.20 8.22 11.19
C ARG C 50 -0.87 7.04 11.93
N ASN C 51 -2.15 7.21 12.24
CA ASN C 51 -2.91 6.27 13.04
C ASN C 51 -3.41 5.07 12.24
N ARG C 52 -2.78 3.91 12.44
CA ARG C 52 -3.19 2.68 11.76
C ARG C 52 -3.63 1.58 12.72
N SER C 53 -4.80 1.01 12.45
CA SER C 53 -5.41 0.03 13.35
C SER C 53 -4.76 -1.35 13.33
N GLY C 54 -4.43 -1.84 14.52
CA GLY C 54 -3.99 -3.22 14.73
C GLY C 54 -2.78 -3.69 13.93
N ALA C 55 -1.69 -2.93 14.01
CA ALA C 55 -0.43 -3.31 13.37
C ALA C 55 0.24 -4.47 14.09
N SER C 56 -0.21 -4.75 15.32
CA SER C 56 0.35 -5.85 16.10
C SER C 56 1.87 -5.85 16.05
N ASN C 57 2.46 -7.03 16.22
CA ASN C 57 3.91 -7.17 16.35
CA ASN C 57 3.91 -7.16 16.34
C ASN C 57 4.63 -7.10 14.99
N SER C 58 3.88 -6.73 13.95
CA SER C 58 4.44 -6.69 12.60
C SER C 58 5.61 -5.75 12.47
N LEU C 59 6.55 -6.08 11.59
CA LEU C 59 7.62 -5.16 11.22
C LEU C 59 7.92 -5.18 9.72
N THR C 60 8.46 -4.07 9.23
CA THR C 60 8.78 -3.91 7.82
C THR C 60 10.12 -4.58 7.51
N LEU C 61 10.05 -5.76 6.92
CA LEU C 61 11.23 -6.52 6.51
C LEU C 61 11.55 -6.40 5.01
N GLU C 62 10.51 -6.38 4.18
CA GLU C 62 10.66 -6.39 2.71
C GLU C 62 11.12 -5.05 2.13
N SER C 63 11.01 -3.96 2.88
CA SER C 63 11.45 -2.65 2.42
CA SER C 63 11.48 -2.66 2.40
C SER C 63 12.30 -1.95 3.46
N SER C 64 13.12 -1.00 3.02
CA SER C 64 13.84 -0.13 3.91
C SER C 64 12.85 0.91 4.41
N LEU C 65 13.20 1.63 5.48
CA LEU C 65 12.28 2.56 6.13
C LEU C 65 12.77 4.01 6.04
N ARG C 66 11.83 4.93 5.84
CA ARG C 66 12.11 6.35 5.66
C ARG C 66 11.65 7.14 6.87
N THR C 67 12.50 8.05 7.35
CA THR C 67 12.20 8.80 8.56
C THR C 67 12.18 10.31 8.34
N PHE C 68 11.18 10.97 8.93
CA PHE C 68 11.09 12.43 8.96
C PHE C 68 11.38 12.91 10.38
N THR C 69 11.88 14.15 10.53
CA THR C 69 12.15 14.73 11.85
C THR C 69 11.53 16.11 12.00
N PHE C 70 10.60 16.23 12.95
CA PHE C 70 9.84 17.48 13.19
C PHE C 70 10.66 18.54 13.92
N ASP C 71 10.07 19.72 14.08
CA ASP C 71 10.77 20.85 14.71
C ASP C 71 11.16 20.57 16.15
N ASN C 72 10.21 20.02 16.93
CA ASN C 72 10.46 19.63 18.32
C ASN C 72 11.37 18.42 18.52
N GLY C 73 11.91 17.88 17.43
CA GLY C 73 12.82 16.73 17.50
C GLY C 73 12.16 15.37 17.37
N ASP C 74 10.82 15.34 17.39
CA ASP C 74 10.07 14.10 17.16
C ASP C 74 10.46 13.49 15.81
N ILE C 75 10.69 12.18 15.80
CA ILE C 75 10.96 11.44 14.57
C ILE C 75 9.74 10.59 14.24
N ALA C 76 9.24 10.71 13.01
CA ALA C 76 8.17 9.83 12.54
C ALA C 76 8.74 8.87 11.50
N VAL C 77 8.30 7.61 11.56
CA VAL C 77 8.75 6.59 10.62
C VAL C 77 7.66 6.40 9.58
N GLN C 78 8.02 6.66 8.32
CA GLN C 78 7.06 6.64 7.22
C GLN C 78 6.58 5.23 6.94
N MET C 79 5.27 5.02 7.03
CA MET C 79 4.64 3.70 6.90
C MET C 79 5.10 2.70 7.97
N GLY C 80 5.89 3.16 8.93
CA GLY C 80 6.49 2.27 9.93
C GLY C 80 5.51 1.79 10.98
N THR C 81 5.68 0.55 11.41
CA THR C 81 4.86 -0.01 12.49
C THR C 81 5.44 0.40 13.86
N PRO C 82 4.67 0.22 14.95
CA PRO C 82 5.25 0.46 16.28
C PRO C 82 6.53 -0.31 16.56
N THR C 83 6.60 -1.57 16.14
CA THR C 83 7.82 -2.37 16.30
C THR C 83 8.98 -1.82 15.45
N ASP C 84 8.67 -1.33 14.24
CA ASP C 84 9.68 -0.67 13.40
C ASP C 84 10.33 0.48 14.17
N CYS C 85 9.49 1.39 14.66
CA CYS C 85 9.92 2.61 15.34
C CYS C 85 10.86 2.33 16.51
N VAL C 86 10.48 1.37 17.36
CA VAL C 86 11.29 1.02 18.52
C VAL C 86 12.60 0.36 18.09
N TYR C 87 12.53 -0.52 17.09
CA TYR C 87 13.73 -1.14 16.56
C TYR C 87 14.74 -0.09 16.05
N LEU C 88 14.26 0.86 15.25
CA LEU C 88 15.11 1.93 14.73
C LEU C 88 15.54 2.86 15.86
N GLY C 89 14.59 3.22 16.72
CA GLY C 89 14.89 4.01 17.91
C GLY C 89 16.06 3.44 18.70
N VAL C 90 15.90 2.22 19.20
CA VAL C 90 16.92 1.60 20.05
C VAL C 90 18.22 1.39 19.30
N ASN C 91 18.15 0.81 18.11
CA ASN C 91 19.36 0.35 17.42
C ASN C 91 20.07 1.38 16.53
N ALA C 92 19.48 2.56 16.36
CA ALA C 92 20.09 3.57 15.51
C ALA C 92 19.73 5.04 15.82
N LEU C 93 18.44 5.36 15.80
CA LEU C 93 17.99 6.76 15.79
C LEU C 93 18.09 7.52 17.11
N MET C 94 18.30 6.81 18.21
CA MET C 94 18.45 7.45 19.51
C MET C 94 19.80 7.14 20.15
N ARG C 95 20.62 8.19 20.32
CA ARG C 95 21.94 8.06 20.94
C ARG C 95 22.11 9.13 22.01
N PRO C 96 22.87 8.85 23.09
CA PRO C 96 23.67 7.66 23.47
C PRO C 96 22.97 6.29 23.49
N ARG C 97 21.71 6.22 23.90
CA ARG C 97 20.92 4.96 23.94
C ARG C 97 19.88 4.99 25.07
N PRO C 98 18.63 4.58 24.79
CA PRO C 98 17.56 4.70 25.78
C PRO C 98 17.64 3.67 26.91
N ASP C 99 17.21 4.09 28.09
CA ASP C 99 17.16 3.21 29.26
C ASP C 99 15.89 2.38 29.26
N ILE C 100 14.83 2.95 28.72
CA ILE C 100 13.51 2.34 28.78
C ILE C 100 12.70 2.69 27.53
N VAL C 101 11.71 1.85 27.25
CA VAL C 101 10.72 2.15 26.24
C VAL C 101 9.37 2.27 26.91
N VAL C 102 8.65 3.32 26.54
CA VAL C 102 7.29 3.53 26.99
C VAL C 102 6.43 3.72 25.75
N SER C 103 5.27 3.07 25.76
CA SER C 103 4.36 3.11 24.62
C SER C 103 2.99 3.60 25.07
N GLY C 104 2.57 4.73 24.52
CA GLY C 104 1.25 5.30 24.82
C GLY C 104 1.22 6.83 24.78
N ILE C 105 0.15 7.43 25.31
CA ILE C 105 -0.96 6.73 25.93
C ILE C 105 -1.96 6.33 24.85
N ASN C 106 -2.30 5.05 24.81
CA ASN C 106 -3.27 4.57 23.82
C ASN C 106 -4.69 4.96 24.17
N ALA C 107 -5.36 5.63 23.23
CA ALA C 107 -6.78 5.89 23.37
C ALA C 107 -7.54 4.60 23.06
N GLY C 108 -7.84 3.84 24.11
CA GLY C 108 -8.53 2.57 23.98
C GLY C 108 -7.80 1.48 24.73
N PRO C 109 -8.55 0.60 25.40
CA PRO C 109 -7.99 -0.49 26.20
C PRO C 109 -7.24 -1.52 25.37
N ASN C 110 -6.25 -2.15 25.98
CA ASN C 110 -5.63 -3.34 25.44
C ASN C 110 -5.64 -4.42 26.50
N LEU C 111 -6.76 -5.12 26.60
CA LEU C 111 -6.96 -6.12 27.64
C LEU C 111 -7.13 -7.53 27.06
N GLY C 112 -7.14 -8.53 27.94
CA GLY C 112 -7.37 -9.91 27.56
C GLY C 112 -6.42 -10.49 26.53
N ASP C 113 -6.93 -11.42 25.71
CA ASP C 113 -6.16 -12.06 24.66
C ASP C 113 -6.07 -11.19 23.40
N ASP C 114 -6.60 -9.97 23.50
CA ASP C 114 -6.44 -8.96 22.46
C ASP C 114 -5.02 -8.41 22.40
N VAL C 115 -4.30 -8.52 23.52
CA VAL C 115 -2.99 -7.89 23.67
C VAL C 115 -1.98 -8.31 22.61
N ILE C 116 -2.15 -9.53 22.11
CA ILE C 116 -1.32 -10.03 21.04
C ILE C 116 -1.53 -9.25 19.72
N TYR C 117 -2.71 -8.66 19.54
CA TYR C 117 -2.99 -7.87 18.34
C TYR C 117 -2.61 -6.39 18.48
N SER C 118 -2.33 -5.95 19.71
CA SER C 118 -2.03 -4.55 19.99
C SER C 118 -0.68 -4.06 19.50
N GLY C 119 -0.68 -2.92 18.82
CA GLY C 119 0.55 -2.24 18.40
C GLY C 119 1.23 -1.57 19.58
N THR C 120 0.44 -0.88 20.41
CA THR C 120 0.89 -0.32 21.68
C THR C 120 1.72 -1.32 22.51
N VAL C 121 1.14 -2.51 22.75
CA VAL C 121 1.83 -3.59 23.47
C VAL C 121 3.09 -4.03 22.72
N ALA C 122 3.02 -4.00 21.40
CA ALA C 122 4.11 -4.41 20.54
C ALA C 122 5.35 -3.53 20.68
N ALA C 123 5.15 -2.22 20.76
CA ALA C 123 6.26 -1.28 20.94
C ALA C 123 6.99 -1.53 22.26
N ALA C 124 6.20 -1.76 23.32
CA ALA C 124 6.75 -2.16 24.61
C ALA C 124 7.54 -3.46 24.47
N MET C 125 6.89 -4.49 23.92
CA MET C 125 7.51 -5.82 23.67
CA MET C 125 7.52 -5.78 23.75
C MET C 125 8.86 -5.71 22.98
N ALA C 126 8.97 -4.75 22.06
CA ALA C 126 10.20 -4.51 21.31
C ALA C 126 11.32 -3.91 22.18
N GLY C 127 10.96 -3.32 23.32
CA GLY C 127 11.95 -2.77 24.24
C GLY C 127 12.24 -3.64 25.45
N ARG C 128 11.89 -4.93 25.36
CA ARG C 128 11.98 -5.85 26.48
C ARG C 128 13.40 -6.19 26.94
N HIS C 129 14.41 -5.84 26.15
CA HIS C 129 15.80 -6.14 26.49
C HIS C 129 16.52 -4.99 27.13
N LEU C 130 15.88 -3.84 27.25
CA LEU C 130 16.53 -2.65 27.81
C LEU C 130 16.71 -2.70 29.33
N GLY C 131 17.41 -1.70 29.87
CA GLY C 131 17.69 -1.62 31.31
C GLY C 131 16.47 -1.78 32.20
N PHE C 132 15.41 -1.03 31.90
CA PHE C 132 14.17 -1.10 32.66
C PHE C 132 13.12 -1.91 31.90
N PRO C 133 12.07 -2.38 32.60
CA PRO C 133 11.04 -3.08 31.84
C PRO C 133 10.24 -2.07 31.02
N ALA C 134 9.72 -2.51 29.87
CA ALA C 134 8.96 -1.62 29.00
C ALA C 134 7.56 -1.40 29.55
N LEU C 135 7.01 -0.22 29.28
CA LEU C 135 5.66 0.12 29.73
C LEU C 135 4.74 0.33 28.55
N ALA C 136 3.68 -0.46 28.49
CA ALA C 136 2.58 -0.24 27.57
C ALA C 136 1.43 0.37 28.36
N VAL C 137 1.00 1.56 27.93
CA VAL C 137 -0.02 2.31 28.66
C VAL C 137 -1.22 2.56 27.75
N SER C 138 -2.38 2.04 28.15
CA SER C 138 -3.60 2.17 27.39
C SER C 138 -4.73 2.75 28.24
N LEU C 139 -5.22 3.92 27.86
CA LEU C 139 -6.40 4.51 28.48
C LEU C 139 -7.66 3.78 28.03
N ASN C 140 -8.60 3.55 28.93
CA ASN C 140 -9.87 2.88 28.61
C ASN C 140 -10.93 3.85 28.12
N GLY C 141 -10.60 4.58 27.06
CA GLY C 141 -11.45 5.64 26.55
C GLY C 141 -10.61 6.71 25.86
N TYR C 142 -11.15 7.92 25.79
CA TYR C 142 -10.49 9.01 25.06
C TYR C 142 -10.34 10.28 25.90
N GLN C 143 -10.90 10.28 27.11
CA GLN C 143 -11.05 11.48 27.93
C GLN C 143 -9.81 11.90 28.70
N HIS C 144 -9.37 11.05 29.63
CA HIS C 144 -8.38 11.41 30.62
C HIS C 144 -7.00 10.90 30.35
N TYR C 145 -6.31 11.56 29.42
CA TYR C 145 -4.88 11.35 29.21
C TYR C 145 -4.07 11.84 30.42
N ASP C 146 -4.71 12.66 31.25
CA ASP C 146 -4.15 13.19 32.49
C ASP C 146 -3.94 12.09 33.51
N THR C 147 -4.95 11.25 33.68
CA THR C 147 -4.89 10.12 34.60
C THR C 147 -3.81 9.12 34.20
N ALA C 148 -3.76 8.77 32.92
CA ALA C 148 -2.77 7.82 32.42
C ALA C 148 -1.35 8.35 32.50
N ALA C 149 -1.18 9.65 32.31
CA ALA C 149 0.13 10.28 32.42
C ALA C 149 0.59 10.31 33.89
N ALA C 150 -0.35 10.57 34.78
CA ALA C 150 -0.06 10.60 36.21
C ALA C 150 0.46 9.23 36.65
N VAL C 151 -0.26 8.17 36.27
CA VAL C 151 0.13 6.79 36.58
C VAL C 151 1.51 6.44 36.00
N THR C 152 1.73 6.81 34.75
CA THR C 152 2.96 6.46 34.04
C THR C 152 4.17 7.08 34.73
N CYS C 153 4.11 8.39 34.97
CA CYS C 153 5.15 9.11 35.71
C CYS C 153 5.41 8.50 37.09
N ALA C 154 4.34 8.07 37.77
CA ALA C 154 4.48 7.41 39.05
C ALA C 154 5.24 6.10 38.89
N LEU C 155 4.77 5.25 37.97
CA LEU C 155 5.46 4.01 37.64
C LEU C 155 6.92 4.27 37.29
N LEU C 156 7.16 5.31 36.49
CA LEU C 156 8.50 5.59 35.98
C LEU C 156 9.46 6.09 37.05
N ARG C 157 8.99 7.02 37.88
CA ARG C 157 9.80 7.56 38.97
C ARG C 157 10.11 6.44 39.96
N GLY C 158 9.12 5.56 40.17
CA GLY C 158 9.32 4.33 40.92
C GLY C 158 10.43 3.42 40.41
N LEU C 159 10.52 3.27 39.09
CA LEU C 159 11.56 2.44 38.48
C LEU C 159 12.96 3.03 38.64
N SER C 160 13.05 4.36 38.67
CA SER C 160 14.34 5.02 38.82
C SER C 160 14.87 4.90 40.25
N ARG C 161 13.94 4.80 41.21
CA ARG C 161 14.28 4.63 42.61
C ARG C 161 14.67 3.18 42.89
N GLU C 162 14.03 2.24 42.20
CA GLU C 162 14.26 0.83 42.44
C GLU C 162 13.95 -0.02 41.22
N PRO C 163 15.00 -0.58 40.59
CA PRO C 163 14.82 -1.45 39.43
C PRO C 163 13.90 -2.63 39.73
N LEU C 164 13.09 -3.02 38.75
CA LEU C 164 12.23 -4.19 38.89
C LEU C 164 13.00 -5.46 38.48
N ARG C 165 13.16 -6.37 39.43
CA ARG C 165 13.96 -7.59 39.26
C ARG C 165 13.44 -8.49 38.13
N THR C 166 12.20 -8.97 38.28
CA THR C 166 11.58 -9.89 37.33
C THR C 166 10.44 -9.21 36.53
N GLY C 167 10.24 -9.66 35.30
CA GLY C 167 9.17 -9.16 34.44
C GLY C 167 9.70 -8.08 33.53
N ARG C 168 9.55 -8.29 32.22
CA ARG C 168 10.20 -7.42 31.25
C ARG C 168 9.25 -6.48 30.51
N ILE C 169 7.97 -6.80 30.53
CA ILE C 169 6.95 -5.95 29.92
C ILE C 169 5.79 -5.76 30.89
N LEU C 170 5.49 -4.52 31.21
CA LEU C 170 4.35 -4.20 32.05
C LEU C 170 3.24 -3.65 31.18
N ASN C 171 2.15 -4.38 31.10
CA ASN C 171 0.98 -3.93 30.34
C ASN C 171 0.00 -3.21 31.25
N VAL C 172 0.06 -1.88 31.19
CA VAL C 172 -0.68 -1.02 32.11
C VAL C 172 -1.97 -0.51 31.45
N ASN C 173 -3.10 -0.73 32.12
CA ASN C 173 -4.38 -0.19 31.67
C ASN C 173 -5.00 0.79 32.66
N VAL C 174 -5.22 2.02 32.21
CA VAL C 174 -5.68 3.11 33.08
C VAL C 174 -7.15 3.44 32.78
N PRO C 175 -8.05 3.31 33.78
CA PRO C 175 -9.48 3.60 33.59
C PRO C 175 -9.73 5.04 33.19
N ASP C 176 -10.75 5.29 32.40
CA ASP C 176 -11.03 6.64 31.93
C ASP C 176 -11.85 7.43 32.93
N LEU C 177 -11.15 7.97 33.93
CA LEU C 177 -11.77 8.69 35.04
C LEU C 177 -10.85 9.84 35.47
N PRO C 178 -11.38 10.82 36.23
CA PRO C 178 -10.47 11.79 36.86
C PRO C 178 -9.60 11.06 37.89
N LEU C 179 -8.32 11.42 37.97
CA LEU C 179 -7.34 10.69 38.78
C LEU C 179 -7.85 10.31 40.18
N ALA C 180 -8.57 11.25 40.79
CA ALA C 180 -9.06 11.12 42.16
C ALA C 180 -10.13 10.03 42.32
N GLN C 181 -10.69 9.58 41.20
CA GLN C 181 -11.70 8.53 41.21
C GLN C 181 -11.13 7.13 40.94
N VAL C 182 -9.86 7.07 40.52
CA VAL C 182 -9.16 5.80 40.30
C VAL C 182 -8.87 5.17 41.66
N LYS C 183 -9.39 3.97 41.86
CA LYS C 183 -9.40 3.33 43.17
C LYS C 183 -8.03 2.85 43.66
N GLY C 184 -7.06 2.77 42.76
CA GLY C 184 -5.74 2.23 43.08
C GLY C 184 -5.23 1.35 41.95
N ILE C 185 -4.36 0.41 42.30
CA ILE C 185 -3.67 -0.41 41.31
C ILE C 185 -3.83 -1.90 41.62
N ARG C 186 -3.73 -2.75 40.58
CA ARG C 186 -3.78 -4.21 40.74
C ARG C 186 -2.82 -4.90 39.78
N VAL C 187 -2.21 -5.97 40.26
CA VAL C 187 -1.41 -6.83 39.40
C VAL C 187 -2.33 -7.94 38.93
N THR C 188 -2.45 -8.09 37.62
CA THR C 188 -3.47 -8.96 37.04
C THR C 188 -2.90 -9.99 36.09
N ARG C 189 -3.79 -10.89 35.62
CA ARG C 189 -3.50 -11.76 34.49
C ARG C 189 -4.43 -11.39 33.32
N CYS C 190 -4.08 -11.80 32.12
CA CYS C 190 -4.92 -11.51 30.95
C CYS C 190 -6.18 -12.37 30.98
N GLY C 191 -7.33 -11.72 30.83
CA GLY C 191 -8.61 -12.40 30.65
C GLY C 191 -8.73 -12.96 29.23
N SER C 192 -9.84 -13.66 28.98
CA SER C 192 -10.06 -14.24 27.65
C SER C 192 -11.42 -13.88 27.09
N ARG C 193 -11.52 -13.91 25.77
CA ARG C 193 -12.78 -13.68 25.06
C ARG C 193 -13.23 -14.97 24.38
N HIS C 194 -14.53 -15.06 24.12
CA HIS C 194 -15.05 -16.10 23.23
C HIS C 194 -14.59 -15.80 21.85
N PRO C 195 -14.25 -16.84 21.08
CA PRO C 195 -13.77 -16.66 19.70
C PRO C 195 -14.65 -15.71 18.89
N ALA C 196 -14.01 -14.77 18.19
CA ALA C 196 -14.71 -13.87 17.29
C ALA C 196 -15.11 -14.64 16.02
N ASP C 197 -16.32 -14.38 15.55
CA ASP C 197 -16.83 -15.04 14.35
C ASP C 197 -17.53 -14.07 13.40
N LYS C 198 -17.58 -12.81 13.81
CA LYS C 198 -18.38 -11.81 13.12
C LYS C 198 -17.67 -11.24 11.88
N VAL C 199 -18.32 -11.40 10.72
CA VAL C 199 -17.85 -10.83 9.46
C VAL C 199 -18.93 -9.89 8.91
N ILE C 200 -18.54 -8.65 8.62
CA ILE C 200 -19.48 -7.66 8.07
C ILE C 200 -19.25 -7.45 6.56
N PRO C 201 -20.20 -7.93 5.74
CA PRO C 201 -20.09 -7.80 4.29
C PRO C 201 -20.69 -6.51 3.76
N GLN C 202 -20.04 -5.91 2.77
CA GLN C 202 -20.55 -4.73 2.07
C GLN C 202 -20.28 -4.81 0.58
N GLU C 203 -21.31 -4.53 -0.21
CA GLU C 203 -21.20 -4.52 -1.68
C GLU C 203 -20.45 -3.28 -2.16
N ASP C 204 -19.60 -3.46 -3.16
CA ASP C 204 -19.00 -2.30 -3.83
C ASP C 204 -19.93 -1.87 -4.98
N PRO C 205 -19.68 -0.69 -5.61
CA PRO C 205 -20.56 -0.21 -6.68
C PRO C 205 -20.77 -1.17 -7.85
N ARG C 206 -19.83 -2.08 -8.08
CA ARG C 206 -19.94 -3.08 -9.15
C ARG C 206 -20.54 -4.40 -8.68
N GLY C 207 -21.20 -4.38 -7.52
CA GLY C 207 -21.85 -5.57 -6.98
C GLY C 207 -20.96 -6.63 -6.34
N ASN C 208 -19.65 -6.36 -6.26
CA ASN C 208 -18.72 -7.26 -5.57
C ASN C 208 -18.82 -7.14 -4.05
N THR C 209 -18.78 -8.29 -3.38
CA THR C 209 -18.82 -8.35 -1.92
C THR C 209 -17.44 -8.17 -1.27
N LEU C 210 -17.33 -7.16 -0.41
CA LEU C 210 -16.12 -6.90 0.38
C LEU C 210 -16.40 -7.20 1.85
N TYR C 211 -15.33 -7.48 2.61
CA TYR C 211 -15.48 -7.94 3.99
C TYR C 211 -14.79 -7.09 5.04
N TRP C 212 -15.58 -6.68 6.04
CA TRP C 212 -15.05 -6.06 7.25
C TRP C 212 -14.90 -7.09 8.33
N ILE C 213 -13.79 -7.02 9.06
CA ILE C 213 -13.62 -7.83 10.26
C ILE C 213 -14.52 -7.26 11.36
N GLY C 214 -15.39 -8.12 11.89
CA GLY C 214 -16.37 -7.72 12.91
C GLY C 214 -15.78 -7.45 14.28
N PRO C 215 -16.64 -7.10 15.25
CA PRO C 215 -16.21 -6.74 16.61
C PRO C 215 -15.58 -7.92 17.37
N PRO C 216 -14.85 -7.63 18.45
CA PRO C 216 -14.32 -8.68 19.33
C PRO C 216 -15.41 -9.58 19.90
N GLY C 217 -15.12 -10.87 20.03
CA GLY C 217 -16.02 -11.81 20.69
C GLY C 217 -16.27 -11.49 22.15
N ASP C 218 -17.39 -11.97 22.68
CA ASP C 218 -17.82 -11.67 24.05
C ASP C 218 -16.81 -12.12 25.10
N LYS C 219 -16.82 -11.44 26.24
CA LYS C 219 -15.93 -11.76 27.36
C LYS C 219 -16.23 -13.16 27.87
N TYR C 220 -15.18 -13.97 27.99
CA TYR C 220 -15.31 -15.34 28.49
C TYR C 220 -14.84 -15.39 29.94
N ASP C 221 -13.52 -15.52 30.11
CA ASP C 221 -12.93 -15.46 31.45
C ASP C 221 -12.60 -14.02 31.84
N ALA C 222 -13.54 -13.40 32.55
CA ALA C 222 -13.34 -12.05 33.08
C ALA C 222 -13.48 -12.05 34.60
N GLY C 223 -12.94 -13.10 35.23
CA GLY C 223 -13.00 -13.27 36.68
C GLY C 223 -12.23 -12.24 37.49
N PRO C 224 -12.23 -12.39 38.82
CA PRO C 224 -11.67 -11.39 39.75
C PRO C 224 -10.20 -11.04 39.53
N ASP C 225 -9.39 -12.01 39.11
CA ASP C 225 -7.96 -11.78 38.92
C ASP C 225 -7.61 -11.09 37.59
N THR C 226 -8.56 -11.08 36.66
CA THR C 226 -8.35 -10.60 35.28
C THR C 226 -8.18 -9.07 35.18
N ASP C 227 -7.47 -8.65 34.14
CA ASP C 227 -7.35 -7.22 33.81
C ASP C 227 -8.71 -6.56 33.54
N PHE C 228 -9.59 -7.26 32.80
CA PHE C 228 -10.96 -6.79 32.55
C PHE C 228 -11.67 -6.33 33.83
N ALA C 229 -11.73 -7.25 34.80
CA ALA C 229 -12.38 -7.00 36.09
C ALA C 229 -11.81 -5.76 36.76
N ALA C 230 -10.50 -5.74 36.92
CA ALA C 230 -9.76 -4.62 37.51
C ALA C 230 -10.13 -3.26 36.91
N VAL C 231 -10.27 -3.19 35.59
CA VAL C 231 -10.61 -1.94 34.94
C VAL C 231 -12.10 -1.65 35.10
N ASP C 232 -12.94 -2.67 35.02
CA ASP C 232 -14.38 -2.50 35.24
C ASP C 232 -14.72 -1.99 36.64
N GLU C 233 -13.78 -2.15 37.57
CA GLU C 233 -13.98 -1.69 38.95
C GLU C 233 -13.26 -0.39 39.27
N GLY C 234 -12.52 0.14 38.30
CA GLY C 234 -11.86 1.44 38.48
C GLY C 234 -10.44 1.39 39.02
N TYR C 235 -9.79 0.24 38.91
CA TYR C 235 -8.38 0.11 39.27
C TYR C 235 -7.51 0.18 38.02
N VAL C 236 -6.34 0.79 38.15
CA VAL C 236 -5.28 0.61 37.17
C VAL C 236 -4.89 -0.87 37.21
N SER C 237 -4.72 -1.47 36.04
CA SER C 237 -4.34 -2.87 35.92
C SER C 237 -2.93 -3.01 35.41
N VAL C 238 -2.16 -3.91 36.00
CA VAL C 238 -0.80 -4.15 35.58
C VAL C 238 -0.62 -5.65 35.36
N THR C 239 -0.38 -6.03 34.11
CA THR C 239 -0.05 -7.41 33.79
C THR C 239 1.38 -7.51 33.28
N PRO C 240 2.22 -8.29 33.97
CA PRO C 240 3.54 -8.56 33.39
C PRO C 240 3.39 -9.50 32.19
N LEU C 241 4.09 -9.18 31.10
CA LEU C 241 4.04 -9.98 29.89
C LEU C 241 5.42 -10.49 29.47
N HIS C 242 5.41 -11.57 28.70
CA HIS C 242 6.62 -12.13 28.07
C HIS C 242 6.34 -12.57 26.65
N VAL C 243 7.39 -12.77 25.85
CA VAL C 243 7.22 -13.16 24.44
C VAL C 243 7.16 -14.66 24.20
N ASP C 244 7.55 -15.44 25.21
CA ASP C 244 7.52 -16.89 25.11
C ASP C 244 6.09 -17.36 24.98
N LEU C 245 5.83 -18.10 23.91
CA LEU C 245 4.48 -18.57 23.58
C LEU C 245 4.26 -20.04 23.90
N THR C 246 5.30 -20.71 24.42
CA THR C 246 5.20 -22.11 24.79
C THR C 246 4.03 -22.37 25.74
N ALA C 247 3.22 -23.37 25.41
CA ALA C 247 2.20 -23.88 26.30
C ALA C 247 2.74 -25.15 26.97
N ALA C 248 3.59 -24.95 27.98
CA ALA C 248 4.37 -26.02 28.61
C ALA C 248 3.52 -27.14 29.22
N SER C 249 2.32 -26.78 29.65
CA SER C 249 1.40 -27.72 30.30
C SER C 249 0.81 -28.76 29.34
N ALA C 250 1.13 -28.63 28.05
CA ALA C 250 0.61 -29.54 27.04
C ALA C 250 1.67 -30.52 26.52
N HIS C 251 2.91 -30.32 26.93
CA HIS C 251 4.06 -31.13 26.48
C HIS C 251 3.82 -32.63 26.51
N ASP C 252 3.48 -33.17 27.69
CA ASP C 252 3.29 -34.62 27.87
C ASP C 252 2.22 -35.21 26.96
N VAL C 253 1.08 -34.51 26.85
CA VAL C 253 -0.05 -34.99 26.07
C VAL C 253 0.27 -35.07 24.58
N VAL C 254 0.91 -34.04 24.05
CA VAL C 254 1.38 -34.04 22.66
C VAL C 254 2.40 -35.17 22.46
N SER C 255 3.27 -35.36 23.44
CA SER C 255 4.29 -36.41 23.37
C SER C 255 3.72 -37.84 23.38
N ASP C 256 2.70 -38.08 24.21
CA ASP C 256 2.07 -39.39 24.29
C ASP C 256 1.31 -39.69 23.00
N TRP C 257 0.50 -38.72 22.58
CA TRP C 257 -0.26 -38.79 21.34
C TRP C 257 0.61 -39.13 20.15
N LEU C 258 1.75 -38.44 20.02
CA LEU C 258 2.71 -38.71 18.95
C LEU C 258 3.13 -40.18 18.89
N ASP C 259 3.55 -40.71 20.05
CA ASP C 259 3.88 -42.13 20.18
C ASP C 259 2.70 -43.03 19.89
N SER C 260 1.54 -42.67 20.43
CA SER C 260 0.31 -43.44 20.27
C SER C 260 -0.07 -43.61 18.79
N VAL C 261 -0.07 -42.50 18.05
CA VAL C 261 -0.37 -42.54 16.60
C VAL C 261 0.86 -42.90 15.76
N GLY C 262 2.02 -42.96 16.41
CA GLY C 262 3.26 -43.45 15.80
C GLY C 262 3.88 -42.51 14.78
N VAL C 263 3.71 -41.21 14.99
CA VAL C 263 4.29 -40.19 14.11
C VAL C 263 5.68 -39.84 14.62
N GLY C 264 6.67 -39.89 13.74
CA GLY C 264 8.05 -39.58 14.10
C GLY C 264 8.89 -40.76 14.57
N THR C 265 8.23 -41.91 14.82
CA THR C 265 8.89 -43.16 15.20
C THR C 265 8.47 -44.32 14.32
N GLN C 266 9.28 -45.38 14.32
CA GLN C 266 9.01 -46.60 13.58
C GLN C 266 8.07 -47.52 14.36
N TRP C 267 8.02 -47.33 15.68
CA TRP C 267 7.43 -48.34 16.55
C TRP C 267 6.31 -47.83 17.39
N SER D 14 -12.17 -35.88 3.00
CA SER D 14 -12.95 -36.20 4.22
C SER D 14 -12.73 -35.16 5.34
N MET D 15 -11.46 -34.98 5.73
CA MET D 15 -11.07 -33.88 6.60
C MET D 15 -11.03 -32.57 5.80
N ARG D 16 -11.70 -31.54 6.31
CA ARG D 16 -11.75 -30.23 5.63
C ARG D 16 -10.69 -29.26 6.16
N ILE D 17 -9.64 -29.03 5.38
CA ILE D 17 -8.54 -28.15 5.79
C ILE D 17 -8.63 -26.73 5.22
N LEU D 18 -8.50 -25.72 6.07
CA LEU D 18 -8.24 -24.35 5.61
C LEU D 18 -6.73 -24.14 5.60
N LEU D 19 -6.17 -23.91 4.41
CA LEU D 19 -4.73 -23.76 4.24
C LEU D 19 -4.27 -22.33 3.94
N SER D 20 -3.40 -21.79 4.79
CA SER D 20 -2.84 -20.46 4.60
C SER D 20 -1.32 -20.50 4.71
N ASN D 21 -0.71 -19.32 4.57
CA ASN D 21 0.69 -19.08 4.86
C ASN D 21 0.86 -17.55 5.04
N ASP D 22 2.10 -17.07 5.08
CA ASP D 22 2.35 -15.64 5.03
C ASP D 22 3.24 -15.28 3.85
N ASP D 23 3.54 -16.28 3.02
CA ASP D 23 4.40 -16.09 1.86
C ASP D 23 3.61 -15.78 0.60
N GLY D 24 2.28 -15.91 0.66
CA GLY D 24 1.39 -15.72 -0.48
C GLY D 24 0.97 -16.98 -1.19
N VAL D 25 -0.17 -16.92 -1.90
CA VAL D 25 -0.68 -18.05 -2.70
C VAL D 25 0.31 -18.67 -3.70
N HIS D 26 1.24 -17.87 -4.21
CA HIS D 26 2.16 -18.33 -5.25
C HIS D 26 3.41 -18.96 -4.72
N ALA D 27 3.56 -18.99 -3.41
CA ALA D 27 4.79 -19.53 -2.82
C ALA D 27 4.89 -21.04 -3.03
N PRO D 28 6.09 -21.53 -3.39
CA PRO D 28 6.25 -22.96 -3.60
C PRO D 28 5.82 -23.73 -2.34
N GLY D 29 6.20 -23.20 -1.18
CA GLY D 29 5.91 -23.80 0.13
C GLY D 29 4.48 -24.25 0.36
N ILE D 30 3.54 -23.35 0.09
CA ILE D 30 2.12 -23.65 0.29
C ILE D 30 1.59 -24.57 -0.82
N GLN D 31 2.04 -24.35 -2.04
CA GLN D 31 1.54 -25.12 -3.17
C GLN D 31 1.95 -26.58 -3.11
N THR D 32 3.20 -26.82 -2.69
CA THR D 32 3.67 -28.16 -2.43
C THR D 32 2.74 -28.85 -1.43
N LEU D 33 2.48 -28.16 -0.31
CA LEU D 33 1.61 -28.69 0.74
C LEU D 33 0.17 -28.95 0.25
N ALA D 34 -0.39 -28.00 -0.49
CA ALA D 34 -1.75 -28.11 -1.01
C ALA D 34 -1.92 -29.38 -1.85
N LYS D 35 -0.89 -29.68 -2.65
CA LYS D 35 -0.89 -30.84 -3.52
C LYS D 35 -0.98 -32.13 -2.70
N ALA D 36 -0.07 -32.28 -1.72
CA ALA D 36 -0.03 -33.47 -0.87
C ALA D 36 -1.31 -33.62 -0.05
N LEU D 37 -1.83 -32.51 0.44
CA LEU D 37 -3.04 -32.54 1.27
C LEU D 37 -4.30 -32.94 0.51
N ARG D 38 -4.32 -32.70 -0.80
CA ARG D 38 -5.52 -33.00 -1.59
C ARG D 38 -5.67 -34.49 -1.93
N GLU D 39 -4.57 -35.25 -1.80
CA GLU D 39 -4.61 -36.69 -1.99
C GLU D 39 -5.54 -37.39 -0.97
N PHE D 40 -5.83 -36.73 0.15
CA PHE D 40 -6.63 -37.35 1.20
C PHE D 40 -7.54 -36.40 1.99
N ALA D 41 -7.53 -35.12 1.66
CA ALA D 41 -8.35 -34.13 2.35
C ALA D 41 -8.96 -33.12 1.38
N ASP D 42 -9.99 -32.42 1.86
CA ASP D 42 -10.60 -31.33 1.11
C ASP D 42 -10.00 -30.00 1.56
N VAL D 43 -9.35 -29.34 0.60
CA VAL D 43 -8.47 -28.21 0.91
C VAL D 43 -8.95 -26.92 0.23
N GLN D 44 -9.23 -25.89 1.03
CA GLN D 44 -9.43 -24.55 0.50
C GLN D 44 -8.28 -23.63 0.92
N VAL D 45 -7.60 -23.06 -0.08
CA VAL D 45 -6.53 -22.08 0.16
C VAL D 45 -7.09 -20.67 0.31
N VAL D 46 -6.70 -20.00 1.39
CA VAL D 46 -6.93 -18.58 1.56
C VAL D 46 -5.63 -17.98 2.05
N ALA D 47 -4.92 -17.28 1.17
CA ALA D 47 -3.59 -16.76 1.47
C ALA D 47 -3.44 -15.31 1.04
N PRO D 48 -2.40 -14.63 1.55
CA PRO D 48 -2.07 -13.29 1.06
C PRO D 48 -1.78 -13.24 -0.45
N ASP D 49 -1.95 -12.04 -1.02
CA ASP D 49 -1.66 -11.85 -2.42
CA ASP D 49 -1.61 -11.67 -2.40
C ASP D 49 -0.15 -11.93 -2.72
N ARG D 50 0.67 -11.72 -1.72
CA ARG D 50 2.11 -11.62 -1.92
C ARG D 50 2.83 -11.99 -0.63
N ASN D 51 4.16 -11.97 -0.66
CA ASN D 51 4.95 -12.26 0.53
C ASN D 51 4.66 -11.21 1.59
N ARG D 52 4.19 -11.68 2.75
CA ARG D 52 3.90 -10.81 3.87
C ARG D 52 4.76 -11.18 5.08
N SER D 53 6.00 -11.61 4.83
CA SER D 53 6.91 -11.99 5.90
C SER D 53 7.05 -10.86 6.92
N GLY D 54 6.87 -11.21 8.20
CA GLY D 54 6.92 -10.23 9.28
C GLY D 54 5.65 -9.43 9.50
N ALA D 55 4.51 -9.96 9.04
CA ALA D 55 3.22 -9.31 9.29
C ALA D 55 2.69 -9.73 10.65
N SER D 56 3.31 -10.76 11.22
CA SER D 56 2.90 -11.25 12.54
C SER D 56 1.40 -11.49 12.61
N ASN D 57 0.79 -11.04 13.69
CA ASN D 57 -0.65 -11.16 13.89
CA ASN D 57 -0.66 -11.19 13.76
C ASN D 57 -1.43 -9.87 13.59
N SER D 58 -0.92 -9.04 12.67
CA SER D 58 -1.63 -7.80 12.30
C SER D 58 -2.88 -8.13 11.51
N LEU D 59 -3.90 -7.28 11.63
CA LEU D 59 -5.15 -7.49 10.91
C LEU D 59 -5.71 -6.18 10.34
N THR D 60 -6.52 -6.28 9.29
CA THR D 60 -7.09 -5.09 8.64
C THR D 60 -8.40 -4.71 9.33
N LEU D 61 -8.41 -3.52 9.93
CA LEU D 61 -9.60 -3.04 10.67
C LEU D 61 -10.25 -1.78 10.09
N GLU D 62 -9.43 -0.86 9.58
CA GLU D 62 -9.97 0.41 9.09
C GLU D 62 -10.47 0.39 7.64
N SER D 63 -10.29 -0.73 6.95
CA SER D 63 -10.74 -0.90 5.57
CA SER D 63 -10.78 -0.88 5.58
C SER D 63 -11.38 -2.27 5.34
N SER D 64 -12.21 -2.36 4.29
CA SER D 64 -12.78 -3.62 3.86
CA SER D 64 -12.79 -3.61 3.81
C SER D 64 -11.72 -4.46 3.15
N LEU D 65 -11.97 -5.77 3.08
CA LEU D 65 -11.06 -6.67 2.39
C LEU D 65 -11.68 -7.28 1.14
N ARG D 66 -10.90 -7.24 0.05
CA ARG D 66 -11.32 -7.76 -1.24
C ARG D 66 -10.59 -9.07 -1.52
N THR D 67 -11.30 -10.00 -2.16
CA THR D 67 -10.74 -11.30 -2.51
C THR D 67 -10.61 -11.44 -4.03
N PHE D 68 -9.57 -12.16 -4.44
CA PHE D 68 -9.40 -12.58 -5.82
C PHE D 68 -9.41 -14.11 -5.83
N THR D 69 -10.05 -14.71 -6.83
CA THR D 69 -10.03 -16.17 -6.98
C THR D 69 -9.30 -16.59 -8.26
N PHE D 70 -8.43 -17.59 -8.14
CA PHE D 70 -7.73 -18.15 -9.28
C PHE D 70 -8.50 -19.29 -9.92
N ASP D 71 -8.07 -19.73 -11.10
CA ASP D 71 -8.77 -20.76 -11.86
C ASP D 71 -8.89 -22.04 -11.05
N ASN D 72 -7.78 -22.42 -10.39
CA ASN D 72 -7.75 -23.59 -9.53
C ASN D 72 -8.55 -23.45 -8.21
N GLY D 73 -9.11 -22.26 -7.98
CA GLY D 73 -10.03 -22.05 -6.85
C GLY D 73 -9.39 -21.51 -5.58
N ASP D 74 -8.06 -21.34 -5.60
CA ASP D 74 -7.36 -20.65 -4.52
C ASP D 74 -7.87 -19.22 -4.37
N ILE D 75 -8.03 -18.78 -3.14
CA ILE D 75 -8.44 -17.41 -2.85
C ILE D 75 -7.27 -16.67 -2.24
N ALA D 76 -6.92 -15.54 -2.87
CA ALA D 76 -6.00 -14.58 -2.28
C ALA D 76 -6.81 -13.46 -1.68
N VAL D 77 -6.45 -13.01 -0.48
CA VAL D 77 -7.04 -11.81 0.10
C VAL D 77 -6.16 -10.60 -0.23
N GLN D 78 -6.69 -9.70 -1.03
CA GLN D 78 -5.95 -8.51 -1.50
C GLN D 78 -5.52 -7.63 -0.34
N MET D 79 -4.21 -7.47 -0.19
CA MET D 79 -3.61 -6.72 0.93
C MET D 79 -3.84 -7.44 2.26
N GLY D 80 -4.44 -8.62 2.21
CA GLY D 80 -4.73 -9.40 3.41
C GLY D 80 -3.51 -9.90 4.17
N THR D 81 -3.58 -9.78 5.49
CA THR D 81 -2.61 -10.37 6.39
C THR D 81 -2.99 -11.84 6.63
N PRO D 82 -2.03 -12.67 7.08
CA PRO D 82 -2.32 -14.07 7.39
C PRO D 82 -3.51 -14.25 8.32
N THR D 83 -3.66 -13.34 9.30
CA THR D 83 -4.81 -13.36 10.21
C THR D 83 -6.09 -12.99 9.46
N ASP D 84 -6.02 -11.96 8.62
CA ASP D 84 -7.15 -11.60 7.76
C ASP D 84 -7.65 -12.82 7.03
N CYS D 85 -6.72 -13.55 6.43
CA CYS D 85 -7.02 -14.72 5.63
C CYS D 85 -7.77 -15.79 6.41
N VAL D 86 -7.12 -16.33 7.44
CA VAL D 86 -7.72 -17.38 8.28
C VAL D 86 -9.05 -16.89 8.88
N TYR D 87 -9.05 -15.68 9.44
CA TYR D 87 -10.28 -15.14 10.00
C TYR D 87 -11.41 -15.10 8.96
N LEU D 88 -11.09 -14.64 7.75
CA LEU D 88 -12.09 -14.61 6.68
C LEU D 88 -12.48 -16.00 6.20
N GLY D 89 -11.48 -16.86 6.04
CA GLY D 89 -11.68 -18.23 5.59
C GLY D 89 -12.53 -19.06 6.56
N VAL D 90 -12.26 -18.92 7.85
CA VAL D 90 -12.99 -19.62 8.90
C VAL D 90 -14.43 -19.12 9.02
N ASN D 91 -14.61 -17.80 8.92
CA ASN D 91 -15.89 -17.19 9.26
C ASN D 91 -16.78 -16.82 8.08
N ALA D 92 -16.25 -16.81 6.88
CA ALA D 92 -17.05 -16.39 5.73
C ALA D 92 -16.79 -17.15 4.43
N LEU D 93 -15.53 -17.22 4.02
CA LEU D 93 -15.19 -17.73 2.69
C LEU D 93 -15.29 -19.23 2.49
N MET D 94 -15.34 -19.99 3.58
CA MET D 94 -15.33 -21.44 3.47
C MET D 94 -16.53 -22.09 4.16
N ARG D 95 -17.35 -22.75 3.35
CA ARG D 95 -18.56 -23.41 3.81
C ARG D 95 -18.76 -24.78 3.14
N PRO D 96 -18.94 -25.84 3.94
CA PRO D 96 -18.98 -25.78 5.42
C PRO D 96 -17.60 -25.53 6.04
N ARG D 97 -17.60 -25.05 7.29
CA ARG D 97 -16.38 -24.72 8.06
C ARG D 97 -15.27 -25.77 7.99
N PRO D 98 -13.99 -25.33 8.08
CA PRO D 98 -12.90 -26.28 8.12
C PRO D 98 -12.82 -27.00 9.47
N ASP D 99 -12.27 -28.21 9.46
CA ASP D 99 -12.04 -28.97 10.70
C ASP D 99 -10.74 -28.52 11.37
N ILE D 100 -9.82 -28.01 10.56
CA ILE D 100 -8.47 -27.68 11.01
C ILE D 100 -7.89 -26.54 10.16
N VAL D 101 -6.95 -25.78 10.72
CA VAL D 101 -6.18 -24.81 9.95
C VAL D 101 -4.73 -25.26 9.90
N VAL D 102 -4.19 -25.34 8.68
CA VAL D 102 -2.76 -25.56 8.51
C VAL D 102 -2.15 -24.33 7.82
N SER D 103 -1.04 -23.87 8.37
CA SER D 103 -0.35 -22.69 7.85
C SER D 103 1.09 -23.00 7.51
N GLY D 104 1.43 -22.90 6.23
CA GLY D 104 2.74 -23.32 5.73
C GLY D 104 2.65 -23.82 4.30
N ILE D 105 3.72 -24.43 3.78
CA ILE D 105 5.01 -24.56 4.44
C ILE D 105 5.84 -23.29 4.24
N ASN D 106 6.22 -22.65 5.34
CA ASN D 106 6.94 -21.40 5.27
C ASN D 106 8.41 -21.57 4.83
N ALA D 107 8.88 -20.63 4.01
CA ALA D 107 10.26 -20.63 3.55
C ALA D 107 11.18 -19.98 4.59
N GLY D 108 11.65 -20.78 5.54
CA GLY D 108 12.46 -20.29 6.65
C GLY D 108 11.87 -20.70 7.99
N PRO D 109 12.72 -20.84 9.02
CA PRO D 109 12.32 -21.27 10.36
C PRO D 109 11.42 -20.28 11.11
N ASN D 110 10.71 -20.77 12.11
CA ASN D 110 10.01 -19.92 13.07
C ASN D 110 10.23 -20.51 14.44
N LEU D 111 11.34 -20.11 15.05
CA LEU D 111 11.86 -20.73 16.27
C LEU D 111 12.14 -19.69 17.34
N GLY D 112 12.06 -20.11 18.59
CA GLY D 112 12.36 -19.25 19.74
C GLY D 112 11.39 -18.10 19.91
N ASP D 113 11.91 -16.98 20.39
CA ASP D 113 11.11 -15.76 20.56
C ASP D 113 10.73 -15.10 19.22
N ASP D 114 11.11 -15.74 18.12
CA ASP D 114 10.66 -15.33 16.79
C ASP D 114 9.18 -15.62 16.54
N VAL D 115 8.64 -16.62 17.22
CA VAL D 115 7.28 -17.10 16.90
C VAL D 115 6.20 -16.04 17.09
N ILE D 116 6.38 -15.12 18.03
CA ILE D 116 5.41 -14.02 18.19
C ILE D 116 5.43 -13.05 16.99
N TYR D 117 6.54 -13.04 16.25
CA TYR D 117 6.67 -12.18 15.05
C TYR D 117 6.26 -12.87 13.76
N SER D 118 5.95 -14.16 13.84
CA SER D 118 5.64 -14.98 12.66
C SER D 118 4.20 -14.87 12.16
N GLY D 119 4.06 -14.56 10.87
CA GLY D 119 2.78 -14.63 10.18
C GLY D 119 2.31 -16.07 9.94
N THR D 120 3.26 -16.98 9.74
CA THR D 120 2.96 -18.40 9.62
C THR D 120 2.24 -18.88 10.88
N VAL D 121 2.83 -18.56 12.03
CA VAL D 121 2.26 -18.93 13.33
C VAL D 121 0.92 -18.24 13.55
N ALA D 122 0.87 -16.95 13.20
CA ALA D 122 -0.34 -16.14 13.34
C ALA D 122 -1.57 -16.79 12.69
N ALA D 123 -1.38 -17.27 11.46
CA ALA D 123 -2.44 -17.93 10.73
C ALA D 123 -2.97 -19.15 11.49
N ALA D 124 -2.07 -19.98 12.01
CA ALA D 124 -2.45 -21.11 12.86
C ALA D 124 -3.21 -20.62 14.10
N MET D 125 -2.70 -19.56 14.74
CA MET D 125 -3.32 -19.01 15.93
C MET D 125 -4.76 -18.60 15.71
N ALA D 126 -5.06 -18.05 14.54
CA ALA D 126 -6.40 -17.54 14.24
C ALA D 126 -7.38 -18.68 14.01
N GLY D 127 -6.88 -19.89 13.82
CA GLY D 127 -7.73 -21.07 13.66
C GLY D 127 -7.63 -22.05 14.82
N ARG D 128 -7.40 -21.53 16.03
CA ARG D 128 -7.12 -22.37 17.19
C ARG D 128 -8.38 -22.90 17.87
N HIS D 129 -9.50 -22.29 17.54
CA HIS D 129 -10.79 -22.63 18.14
CA HIS D 129 -10.79 -22.64 18.15
C HIS D 129 -11.48 -23.76 17.42
N LEU D 130 -10.88 -24.24 16.34
CA LEU D 130 -11.48 -25.33 15.55
C LEU D 130 -11.35 -26.72 16.21
N GLY D 131 -12.06 -27.69 15.62
CA GLY D 131 -12.15 -29.07 16.12
C GLY D 131 -10.82 -29.79 16.31
N PHE D 132 -9.91 -29.61 15.36
CA PHE D 132 -8.54 -30.09 15.52
C PHE D 132 -7.60 -28.93 15.87
N PRO D 133 -6.43 -29.23 16.46
CA PRO D 133 -5.43 -28.18 16.69
C PRO D 133 -4.80 -27.67 15.39
N ALA D 134 -4.64 -26.35 15.28
CA ALA D 134 -4.05 -25.75 14.09
C ALA D 134 -2.57 -26.10 13.99
N LEU D 135 -2.09 -26.27 12.77
CA LEU D 135 -0.68 -26.60 12.58
C LEU D 135 0.05 -25.50 11.84
N ALA D 136 1.18 -25.05 12.40
CA ALA D 136 2.09 -24.19 11.66
C ALA D 136 3.33 -25.00 11.31
N VAL D 137 3.67 -25.00 10.03
CA VAL D 137 4.75 -25.83 9.50
C VAL D 137 5.77 -24.92 8.82
N SER D 138 7.04 -25.05 9.21
CA SER D 138 8.11 -24.23 8.68
C SER D 138 9.34 -25.05 8.31
N LEU D 139 9.89 -24.78 7.13
CA LEU D 139 11.11 -25.43 6.66
C LEU D 139 12.32 -24.59 7.05
N ASN D 140 13.38 -25.26 7.51
CA ASN D 140 14.59 -24.58 7.94
C ASN D 140 15.53 -24.29 6.77
N GLY D 141 14.98 -23.69 5.72
CA GLY D 141 15.70 -23.47 4.47
C GLY D 141 14.73 -23.44 3.31
N TYR D 142 15.21 -23.77 2.11
CA TYR D 142 14.44 -23.57 0.88
C TYR D 142 14.38 -24.79 -0.04
N GLN D 143 15.15 -25.83 0.28
CA GLN D 143 15.33 -26.98 -0.61
C GLN D 143 14.25 -28.07 -0.52
N HIS D 144 14.00 -28.53 0.71
CA HIS D 144 13.16 -29.69 0.92
C HIS D 144 11.80 -29.35 1.43
N TYR D 145 10.88 -29.09 0.51
CA TYR D 145 9.48 -28.88 0.87
C TYR D 145 8.66 -30.17 1.06
N ASP D 146 8.93 -31.19 0.24
CA ASP D 146 8.17 -32.43 0.35
C ASP D 146 8.44 -33.18 1.66
N THR D 147 9.63 -33.03 2.21
CA THR D 147 9.94 -33.51 3.56
C THR D 147 8.96 -32.94 4.58
N ALA D 148 8.79 -31.62 4.58
CA ALA D 148 7.83 -30.95 5.43
C ALA D 148 6.39 -31.34 5.08
N ALA D 149 6.11 -31.58 3.81
CA ALA D 149 4.79 -32.04 3.38
C ALA D 149 4.52 -33.43 3.95
N ALA D 150 5.55 -34.28 3.93
CA ALA D 150 5.46 -35.62 4.47
C ALA D 150 5.15 -35.59 5.97
N VAL D 151 5.87 -34.74 6.71
CA VAL D 151 5.65 -34.58 8.15
C VAL D 151 4.22 -34.11 8.45
N THR D 152 3.69 -33.25 7.59
CA THR D 152 2.41 -32.62 7.85
C THR D 152 1.27 -33.60 7.59
N CYS D 153 1.40 -34.38 6.52
CA CYS D 153 0.44 -35.42 6.19
C CYS D 153 0.46 -36.49 7.27
N ALA D 154 1.65 -36.82 7.74
CA ALA D 154 1.80 -37.79 8.83
C ALA D 154 1.45 -37.19 10.19
N LEU D 155 0.95 -35.96 10.21
CA LEU D 155 0.59 -35.34 11.48
C LEU D 155 -0.93 -35.35 11.41
N LEU D 156 -1.44 -35.17 10.18
CA LEU D 156 -2.88 -35.05 9.95
C LEU D 156 -3.61 -36.39 9.97
N ARG D 157 -3.02 -37.40 9.33
CA ARG D 157 -3.59 -38.74 9.31
C ARG D 157 -3.65 -39.35 10.72
N GLY D 158 -2.66 -39.00 11.55
CA GLY D 158 -2.65 -39.32 12.96
C GLY D 158 -3.82 -38.67 13.67
N LEU D 159 -4.08 -37.39 13.38
CA LEU D 159 -5.21 -36.67 13.95
C LEU D 159 -6.56 -37.28 13.54
N SER D 160 -6.62 -37.81 12.32
CA SER D 160 -7.82 -38.50 11.83
C SER D 160 -8.09 -39.79 12.58
N ARG D 161 -7.03 -40.48 12.96
CA ARG D 161 -7.14 -41.76 13.65
C ARG D 161 -7.37 -41.56 15.14
N GLU D 162 -6.89 -40.44 15.68
CA GLU D 162 -6.96 -40.16 17.11
C GLU D 162 -6.89 -38.67 17.39
N PRO D 163 -7.87 -38.13 18.13
CA PRO D 163 -7.84 -36.72 18.49
C PRO D 163 -6.70 -36.39 19.45
N LEU D 164 -6.16 -35.19 19.33
CA LEU D 164 -5.26 -34.63 20.36
C LEU D 164 -6.14 -33.90 21.37
N ARG D 165 -6.04 -34.30 22.63
CA ARG D 165 -6.94 -33.83 23.68
C ARG D 165 -6.63 -32.41 24.17
N THR D 166 -5.34 -32.11 24.35
CA THR D 166 -4.93 -30.89 25.05
C THR D 166 -4.46 -29.72 24.17
N GLY D 167 -3.56 -29.99 23.22
CA GLY D 167 -2.99 -28.93 22.39
C GLY D 167 -4.02 -28.11 21.63
N ARG D 168 -3.69 -26.86 21.33
CA ARG D 168 -4.53 -26.02 20.49
C ARG D 168 -3.80 -25.53 19.25
N ILE D 169 -2.49 -25.29 19.38
CA ILE D 169 -1.64 -24.85 18.26
C ILE D 169 -0.32 -25.59 18.31
N LEU D 170 0.01 -26.29 17.23
CA LEU D 170 1.30 -26.97 17.14
C LEU D 170 2.20 -26.23 16.18
N ASN D 171 3.26 -25.63 16.71
CA ASN D 171 4.28 -25.01 15.89
C ASN D 171 5.30 -26.07 15.49
N VAL D 172 5.30 -26.41 14.20
CA VAL D 172 6.15 -27.47 13.68
C VAL D 172 7.31 -26.91 12.85
N ASN D 173 8.53 -27.24 13.25
CA ASN D 173 9.71 -26.89 12.48
C ASN D 173 10.40 -28.14 11.92
N VAL D 174 10.63 -28.14 10.62
CA VAL D 174 11.14 -29.30 9.89
C VAL D 174 12.53 -29.00 9.37
N PRO D 175 13.52 -29.84 9.73
CA PRO D 175 14.86 -29.71 9.16
C PRO D 175 14.83 -29.69 7.63
N ASP D 176 15.70 -28.87 7.03
CA ASP D 176 15.84 -28.79 5.58
C ASP D 176 16.77 -29.90 5.07
N LEU D 177 16.30 -31.14 5.19
CA LEU D 177 17.05 -32.33 4.77
C LEU D 177 16.14 -33.24 3.95
N PRO D 178 16.73 -34.20 3.20
CA PRO D 178 15.88 -35.26 2.65
C PRO D 178 15.29 -36.07 3.80
N LEU D 179 14.09 -36.61 3.58
CA LEU D 179 13.32 -37.32 4.61
C LEU D 179 14.09 -38.45 5.30
N ALA D 180 14.90 -39.16 4.52
CA ALA D 180 15.75 -40.24 5.02
C ALA D 180 16.68 -39.78 6.14
N GLN D 181 17.17 -38.54 6.03
CA GLN D 181 18.13 -38.01 7.00
C GLN D 181 17.48 -37.36 8.22
N VAL D 182 16.16 -37.24 8.22
CA VAL D 182 15.42 -36.67 9.35
C VAL D 182 15.33 -37.72 10.45
N LYS D 183 15.99 -37.45 11.57
CA LYS D 183 16.15 -38.42 12.66
C LYS D 183 14.88 -38.79 13.44
N GLY D 184 13.88 -37.91 13.42
CA GLY D 184 12.64 -38.18 14.15
C GLY D 184 11.94 -36.92 14.63
N ILE D 185 11.25 -37.04 15.76
CA ILE D 185 10.42 -35.95 16.26
C ILE D 185 10.69 -35.68 17.76
N ARG D 186 10.58 -34.41 18.15
CA ARG D 186 10.73 -33.99 19.55
C ARG D 186 9.67 -32.97 19.92
N VAL D 187 8.98 -33.20 21.04
CA VAL D 187 8.09 -32.19 21.59
C VAL D 187 8.94 -31.23 22.40
N THR D 188 9.07 -29.99 21.92
CA THR D 188 10.03 -29.05 22.46
C THR D 188 9.40 -27.84 23.17
N ARG D 189 10.25 -27.01 23.79
CA ARG D 189 9.87 -25.66 24.19
C ARG D 189 10.57 -24.64 23.29
N CYS D 190 10.06 -23.41 23.27
CA CYS D 190 10.68 -22.34 22.47
C CYS D 190 11.96 -21.87 23.13
N GLY D 191 13.03 -21.76 22.34
CA GLY D 191 14.26 -21.14 22.80
C GLY D 191 14.16 -19.63 22.77
N SER D 192 15.31 -18.95 22.75
CA SER D 192 15.35 -17.49 22.61
C SER D 192 16.63 -17.04 21.93
N ARG D 193 16.62 -15.78 21.47
CA ARG D 193 17.80 -15.18 20.87
C ARG D 193 18.32 -14.02 21.70
N HIS D 194 19.57 -13.64 21.47
CA HIS D 194 20.07 -12.34 21.92
C HIS D 194 19.33 -11.30 21.16
N PRO D 195 19.12 -10.11 21.76
CA PRO D 195 18.40 -9.05 21.06
C PRO D 195 19.05 -8.71 19.72
N ALA D 196 18.22 -8.58 18.69
CA ALA D 196 18.65 -8.10 17.37
C ALA D 196 19.02 -6.62 17.45
N ASP D 197 20.18 -6.28 16.89
CA ASP D 197 20.71 -4.91 17.03
C ASP D 197 21.12 -4.22 15.73
N LYS D 198 21.28 -5.01 14.66
CA LYS D 198 21.76 -4.48 13.37
C LYS D 198 20.73 -3.66 12.61
N VAL D 199 21.21 -2.57 12.01
CA VAL D 199 20.43 -1.66 11.19
C VAL D 199 21.31 -1.37 9.99
N ILE D 200 20.79 -1.61 8.78
CA ILE D 200 21.57 -1.42 7.56
C ILE D 200 21.09 -0.18 6.81
N PRO D 201 21.94 0.87 6.78
CA PRO D 201 21.58 2.13 6.13
C PRO D 201 21.74 2.02 4.62
N GLN D 202 20.79 2.56 3.87
CA GLN D 202 20.89 2.56 2.41
C GLN D 202 20.44 3.90 1.81
N GLU D 203 21.36 4.53 1.09
CA GLU D 203 21.14 5.84 0.48
C GLU D 203 20.22 5.72 -0.73
N ASP D 204 19.19 6.56 -0.79
CA ASP D 204 18.33 6.62 -1.96
C ASP D 204 18.99 7.46 -3.06
N PRO D 205 18.48 7.38 -4.31
CA PRO D 205 19.01 8.19 -5.40
C PRO D 205 19.28 9.67 -5.06
N ARG D 206 18.38 10.29 -4.29
CA ARG D 206 18.52 11.71 -3.92
C ARG D 206 19.49 11.97 -2.77
N GLY D 207 19.80 10.93 -2.00
CA GLY D 207 20.78 11.07 -0.91
C GLY D 207 20.20 11.09 0.50
N ASN D 208 18.95 10.65 0.64
CA ASN D 208 18.38 10.45 1.96
C ASN D 208 18.78 9.04 2.40
N THR D 209 19.10 8.88 3.69
CA THR D 209 19.38 7.55 4.24
C THR D 209 18.08 6.87 4.65
N LEU D 210 17.88 5.65 4.14
CA LEU D 210 16.76 4.81 4.58
C LEU D 210 17.30 3.68 5.46
N TYR D 211 16.42 3.01 6.21
CA TYR D 211 16.86 2.03 7.19
C TYR D 211 16.26 0.63 7.00
N TRP D 212 17.13 -0.33 6.69
CA TRP D 212 16.77 -1.73 6.67
C TRP D 212 16.88 -2.30 8.05
N ILE D 213 15.85 -3.01 8.48
CA ILE D 213 15.89 -3.77 9.73
C ILE D 213 16.82 -4.97 9.54
N GLY D 214 17.74 -5.16 10.49
CA GLY D 214 18.73 -6.23 10.43
C GLY D 214 18.19 -7.64 10.68
N PRO D 215 19.07 -8.65 10.63
CA PRO D 215 18.71 -10.06 10.84
C PRO D 215 18.38 -10.37 12.30
N PRO D 216 17.91 -11.60 12.59
CA PRO D 216 17.66 -11.93 13.99
C PRO D 216 18.98 -12.01 14.77
N GLY D 217 18.91 -11.76 16.07
CA GLY D 217 20.05 -11.94 16.96
C GLY D 217 20.49 -13.40 17.05
N ASP D 218 21.65 -13.62 17.65
CA ASP D 218 22.24 -14.96 17.77
C ASP D 218 21.54 -15.78 18.83
N LYS D 219 21.47 -17.09 18.59
CA LYS D 219 20.85 -18.03 19.54
C LYS D 219 21.43 -17.83 20.94
N TYR D 220 20.53 -17.66 21.91
CA TYR D 220 20.90 -17.54 23.30
C TYR D 220 20.53 -18.83 24.03
N ASP D 221 19.25 -18.95 24.39
CA ASP D 221 18.75 -20.19 24.98
C ASP D 221 18.53 -21.25 23.88
N ALA D 222 19.50 -22.15 23.75
CA ALA D 222 19.42 -23.22 22.75
C ALA D 222 19.66 -24.59 23.39
N GLY D 223 19.19 -24.73 24.63
CA GLY D 223 19.32 -25.97 25.41
C GLY D 223 18.83 -27.22 24.71
N PRO D 224 19.09 -28.40 25.31
CA PRO D 224 18.80 -29.66 24.64
C PRO D 224 17.30 -29.97 24.54
N ASP D 225 16.47 -29.15 25.17
CA ASP D 225 15.02 -29.31 25.14
C ASP D 225 14.30 -28.22 24.32
N THR D 226 15.09 -27.27 23.79
CA THR D 226 14.53 -26.16 23.02
C THR D 226 14.26 -26.54 21.56
N ASP D 227 13.40 -25.76 20.90
CA ASP D 227 13.09 -25.96 19.49
C ASP D 227 14.32 -25.82 18.59
N PHE D 228 15.23 -24.92 18.96
CA PHE D 228 16.48 -24.68 18.23
C PHE D 228 17.37 -25.91 18.10
N ALA D 229 17.59 -26.58 19.23
CA ALA D 229 18.51 -27.72 19.31
C ALA D 229 18.00 -28.89 18.50
N ALA D 230 16.70 -29.16 18.61
CA ALA D 230 16.06 -30.22 17.85
C ALA D 230 16.37 -30.10 16.36
N VAL D 231 16.04 -28.94 15.78
CA VAL D 231 16.21 -28.70 14.34
C VAL D 231 17.67 -28.81 13.91
N ASP D 232 18.58 -28.32 14.76
CA ASP D 232 20.02 -28.40 14.53
C ASP D 232 20.50 -29.84 14.51
N GLU D 233 19.83 -30.70 15.27
CA GLU D 233 20.19 -32.12 15.37
C GLU D 233 19.42 -32.99 14.38
N GLY D 234 18.58 -32.38 13.56
CA GLY D 234 17.89 -33.11 12.49
C GLY D 234 16.56 -33.70 12.87
N TYR D 235 15.97 -33.16 13.93
CA TYR D 235 14.67 -33.61 14.42
C TYR D 235 13.57 -32.62 14.08
N VAL D 236 12.41 -33.14 13.70
CA VAL D 236 11.22 -32.31 13.61
C VAL D 236 10.85 -31.86 15.02
N SER D 237 10.56 -30.57 15.15
CA SER D 237 10.24 -29.95 16.43
C SER D 237 8.76 -29.62 16.51
N VAL D 238 8.12 -30.02 17.59
CA VAL D 238 6.72 -29.66 17.83
C VAL D 238 6.64 -28.90 19.15
N THR D 239 6.16 -27.67 19.09
CA THR D 239 5.98 -26.87 20.28
C THR D 239 4.53 -26.49 20.36
N PRO D 240 3.88 -26.86 21.48
CA PRO D 240 2.54 -26.38 21.76
C PRO D 240 2.62 -24.91 22.12
N LEU D 241 1.75 -24.10 21.53
CA LEU D 241 1.69 -22.67 21.82
C LEU D 241 0.33 -22.28 22.32
N HIS D 242 0.27 -21.20 23.08
CA HIS D 242 -0.98 -20.54 23.47
C HIS D 242 -0.92 -19.08 23.14
N VAL D 243 -2.07 -18.42 23.15
CA VAL D 243 -2.14 -17.01 22.78
C VAL D 243 -1.85 -16.08 23.97
N ASP D 244 -2.09 -16.56 25.20
CA ASP D 244 -1.91 -15.77 26.43
C ASP D 244 -0.47 -15.26 26.64
N LEU D 245 -0.36 -13.98 26.96
CA LEU D 245 0.96 -13.35 27.14
C LEU D 245 1.36 -13.09 28.60
N THR D 246 0.45 -13.39 29.53
CA THR D 246 0.70 -13.24 30.95
C THR D 246 1.94 -14.02 31.37
N ALA D 247 2.87 -13.33 32.03
CA ALA D 247 4.02 -13.97 32.65
C ALA D 247 3.69 -14.24 34.12
N ALA D 248 3.02 -15.36 34.39
CA ALA D 248 2.48 -15.66 35.72
C ALA D 248 3.53 -15.68 36.82
N SER D 249 4.71 -16.20 36.50
CA SER D 249 5.81 -16.32 37.47
C SER D 249 6.18 -14.96 38.10
N ALA D 250 6.08 -13.90 37.30
CA ALA D 250 6.48 -12.56 37.73
C ALA D 250 5.43 -11.81 38.55
N HIS D 251 4.26 -12.43 38.76
CA HIS D 251 3.14 -11.80 39.47
C HIS D 251 3.52 -11.19 40.80
N ASP D 252 4.06 -12.02 41.70
CA ASP D 252 4.43 -11.60 43.05
C ASP D 252 5.48 -10.51 43.09
N VAL D 253 6.55 -10.69 42.29
CA VAL D 253 7.63 -9.72 42.20
C VAL D 253 7.13 -8.31 41.85
N VAL D 254 6.20 -8.24 40.89
CA VAL D 254 5.61 -6.96 40.48
C VAL D 254 4.77 -6.38 41.60
N SER D 255 3.96 -7.23 42.24
CA SER D 255 3.18 -6.83 43.41
CA SER D 255 3.17 -6.81 43.41
C SER D 255 4.08 -6.22 44.49
N ASP D 256 5.11 -6.98 44.88
CA ASP D 256 6.09 -6.52 45.86
C ASP D 256 6.75 -5.22 45.43
N TRP D 257 7.16 -5.15 44.15
CA TRP D 257 7.77 -3.94 43.64
C TRP D 257 6.86 -2.78 43.82
N LEU D 258 5.61 -2.92 43.40
CA LEU D 258 4.63 -1.85 43.53
C LEU D 258 4.48 -1.37 44.97
N ASP D 259 4.43 -2.32 45.89
CA ASP D 259 4.31 -2.00 47.31
C ASP D 259 5.53 -1.23 47.80
N SER D 260 6.71 -1.75 47.46
CA SER D 260 7.98 -1.13 47.80
C SER D 260 8.07 0.34 47.38
N VAL D 261 7.64 0.64 46.15
CA VAL D 261 7.70 2.01 45.63
C VAL D 261 6.43 2.80 45.91
N GLY D 262 5.41 2.13 46.44
CA GLY D 262 4.18 2.79 46.87
C GLY D 262 3.33 3.43 45.79
N VAL D 263 3.44 2.92 44.57
CA VAL D 263 2.60 3.37 43.46
C VAL D 263 1.25 2.68 43.57
N GLY D 264 0.19 3.48 43.67
CA GLY D 264 -1.18 2.97 43.74
C GLY D 264 -1.72 2.85 45.14
N THR D 265 -1.00 3.42 46.12
CA THR D 265 -1.39 3.38 47.53
C THR D 265 -1.06 4.69 48.27
N GLN D 266 -1.86 5.03 49.27
CA GLN D 266 -1.67 6.29 50.00
C GLN D 266 -0.51 6.23 51.02
N TRP D 267 -0.36 5.07 51.65
CA TRP D 267 0.51 4.92 52.81
C TRP D 267 1.67 4.00 52.53
MG MG E . -8.07 -2.02 -16.35
P PO4 F . -7.84 1.39 -17.53
O1 PO4 F . -7.07 1.31 -18.82
O2 PO4 F . -8.23 0.02 -17.06
O3 PO4 F . -9.11 2.17 -17.74
O4 PO4 F . -6.99 2.08 -16.50
MG MG G . 4.61 17.30 -5.57
P PO4 H . 4.05 16.44 -9.17
O1 PO4 H . 4.97 16.40 -10.35
O2 PO4 H . 3.36 15.10 -9.05
O3 PO4 H . 3.04 17.54 -9.37
O4 PO4 H . 4.83 16.72 -7.90
C1 MPD I . 11.17 11.14 -16.50
C2 MPD I . 10.73 10.36 -15.28
O2 MPD I . 10.83 8.98 -15.62
CM MPD I . 11.67 10.61 -14.10
C3 MPD I . 9.25 10.63 -14.96
C4 MPD I . 8.85 11.96 -14.28
O4 MPD I . 9.34 11.99 -12.94
C5 MPD I . 9.28 13.22 -15.02
MG MG J . -4.47 1.98 19.22
MG MG K . 7.52 -16.06 5.54
P PO4 L . 7.25 -15.64 9.14
O1 PO4 L . 7.73 -15.70 7.70
O2 PO4 L . 6.57 -16.95 9.48
O3 PO4 L . 6.26 -14.53 9.32
O4 PO4 L . 8.45 -15.37 10.02
#